data_7DQ9
#
_entry.id   7DQ9
#
_cell.length_a   45.469
_cell.length_b   75.545
_cell.length_c   161.021
_cell.angle_alpha   90.000
_cell.angle_beta   92.340
_cell.angle_gamma   90.000
#
_symmetry.space_group_name_H-M   'P 1 21 1'
#
loop_
_entity.id
_entity.type
_entity.pdbx_description
1 polymer 'Predicted hydrolases or acyltransferases (Alpha/beta hydrolase superfamily)'
2 water water
#
_entity_poly.entity_id   1
_entity_poly.type   'polypeptide(L)'
_entity_poly.pdbx_seq_one_letter_code
;MIEKFIMAGPTALHVCDSQKGDKCVVLLHGYLESMLVWEDFVPFLYKELRVVTLDLPGHGISVVTGEEHSMEFLADTVAD
ALRALGIPRCTLVGHSMGGYVALAFCERHPDMLNGVVLLSSTPNADTPEKSENRRREIALVKAGKKDALARVAPEAGFAE
DNRTRMKDYIEDLTEQVAVTEDEGIVALLNGMIARKDQNEMLRASKVPQLFILGRKDNYIPVEAAEKMVKEHLQARVVWL
ENSGHMGFLEEPETTARAILDFVNGK
;
_entity_poly.pdbx_strand_id   A,B,C,D
#
# COMPACT_ATOMS: atom_id res chain seq x y z
N MET A 1 -7.64 14.49 -12.70
CA MET A 1 -6.81 15.69 -12.57
C MET A 1 -7.26 16.76 -13.56
N ILE A 2 -7.53 17.96 -13.05
CA ILE A 2 -7.90 19.11 -13.85
C ILE A 2 -6.65 19.97 -14.07
N GLU A 3 -6.32 20.24 -15.33
CA GLU A 3 -5.17 21.07 -15.64
C GLU A 3 -5.52 22.55 -15.51
N LYS A 4 -4.61 23.31 -14.90
CA LYS A 4 -4.85 24.73 -14.67
C LYS A 4 -3.58 25.51 -14.93
N PHE A 5 -3.74 26.73 -15.46
CA PHE A 5 -2.64 27.69 -15.57
C PHE A 5 -3.00 28.89 -14.71
N ILE A 6 -2.25 29.10 -13.62
CA ILE A 6 -2.63 30.11 -12.66
C ILE A 6 -1.49 31.08 -12.46
N MET A 7 -1.83 32.23 -11.87
CA MET A 7 -0.81 33.18 -11.44
C MET A 7 -0.49 32.90 -9.96
N ALA A 8 0.70 32.39 -9.70
CA ALA A 8 1.25 32.29 -8.34
C ALA A 8 1.99 33.59 -8.06
N GLY A 9 1.30 34.56 -7.47
CA GLY A 9 1.86 35.89 -7.34
C GLY A 9 2.25 36.42 -8.71
N PRO A 10 3.53 36.75 -8.89
CA PRO A 10 4.01 37.26 -10.19
C PRO A 10 4.37 36.17 -11.19
N THR A 11 4.25 34.89 -10.84
CA THR A 11 4.81 33.80 -11.62
C THR A 11 3.68 32.90 -12.12
N ALA A 12 3.52 32.80 -13.44
CA ALA A 12 2.58 31.82 -13.98
C ALA A 12 3.04 30.42 -13.59
N LEU A 13 2.07 29.54 -13.30
CA LEU A 13 2.40 28.18 -12.88
C LEU A 13 1.45 27.18 -13.50
N HIS A 14 2.01 26.07 -13.99
CA HIS A 14 1.26 24.95 -14.55
C HIS A 14 0.98 23.95 -13.44
N VAL A 15 -0.30 23.70 -13.17
CA VAL A 15 -0.70 22.82 -12.08
C VAL A 15 -1.75 21.84 -12.60
N CYS A 16 -1.86 20.71 -11.91
CA CYS A 16 -2.96 19.78 -12.08
C CYS A 16 -3.55 19.50 -10.71
N ASP A 17 -4.88 19.40 -10.65
CA ASP A 17 -5.57 19.46 -9.37
C ASP A 17 -6.77 18.52 -9.42
N SER A 18 -6.82 17.53 -8.52
CA SER A 18 -7.98 16.62 -8.52
C SER A 18 -9.18 17.20 -7.79
N GLN A 19 -9.00 18.35 -7.13
CA GLN A 19 -10.06 19.23 -6.62
C GLN A 19 -10.81 18.66 -5.41
N LYS A 20 -11.16 17.38 -5.44
CA LYS A 20 -12.02 16.81 -4.42
C LYS A 20 -11.21 16.22 -3.28
N GLY A 21 -11.57 16.58 -2.05
CA GLY A 21 -10.92 16.05 -0.87
C GLY A 21 -10.67 17.08 0.21
N ASP A 22 -10.99 16.73 1.47
CA ASP A 22 -10.83 17.68 2.56
C ASP A 22 -9.40 17.74 3.07
N LYS A 23 -8.58 16.76 2.73
CA LYS A 23 -7.14 16.82 2.99
C LYS A 23 -6.45 16.84 1.65
N CYS A 24 -5.35 17.58 1.55
CA CYS A 24 -4.69 17.81 0.27
C CYS A 24 -3.23 17.40 0.35
N VAL A 25 -2.77 16.64 -0.66
CA VAL A 25 -1.36 16.30 -0.82
C VAL A 25 -0.85 16.98 -2.09
N VAL A 26 0.29 17.63 -1.98
CA VAL A 26 0.93 18.29 -3.12
C VAL A 26 2.23 17.56 -3.43
N LEU A 27 2.41 17.19 -4.70
CA LEU A 27 3.56 16.40 -5.13
C LEU A 27 4.53 17.26 -5.94
N LEU A 28 5.80 17.27 -5.53
CA LEU A 28 6.84 18.05 -6.22
C LEU A 28 7.85 17.11 -6.87
N HIS A 29 7.91 17.13 -8.21
CA HIS A 29 8.86 16.31 -8.94
C HIS A 29 10.30 16.73 -8.64
N GLY A 30 11.24 15.95 -9.16
CA GLY A 30 12.64 16.20 -9.01
C GLY A 30 13.33 16.66 -10.29
N TYR A 31 14.65 16.57 -10.27
CA TYR A 31 15.48 17.05 -11.38
C TYR A 31 15.30 16.17 -12.59
N LEU A 32 15.19 16.82 -13.76
CA LEU A 32 14.90 16.23 -15.06
C LEU A 32 13.58 15.46 -15.08
N GLU A 33 12.67 15.78 -14.16
CA GLU A 33 11.31 15.30 -14.16
C GLU A 33 10.35 16.48 -14.36
N SER A 34 9.06 16.15 -14.43
CA SER A 34 8.02 17.18 -14.41
C SER A 34 6.80 16.58 -13.73
N MET A 35 5.67 17.29 -13.78
CA MET A 35 4.44 16.74 -13.19
C MET A 35 4.08 15.39 -13.81
N LEU A 36 4.52 15.15 -15.05
CA LEU A 36 4.19 13.89 -15.73
C LEU A 36 4.71 12.66 -14.98
N VAL A 37 5.79 12.80 -14.20
CA VAL A 37 6.37 11.65 -13.52
C VAL A 37 5.38 11.03 -12.53
N TRP A 38 4.37 11.80 -12.12
CA TRP A 38 3.42 11.33 -11.11
C TRP A 38 2.17 10.73 -11.72
N GLU A 39 2.08 10.63 -13.04
CA GLU A 39 0.79 10.36 -13.69
C GLU A 39 0.20 9.03 -13.24
N ASP A 40 1.04 8.00 -13.12
CA ASP A 40 0.57 6.69 -12.70
C ASP A 40 0.46 6.57 -11.19
N PHE A 41 0.97 7.55 -10.45
CA PHE A 41 0.96 7.50 -8.99
C PHE A 41 -0.29 8.16 -8.39
N VAL A 42 -0.76 9.24 -9.00
CA VAL A 42 -1.89 9.98 -8.43
C VAL A 42 -3.13 9.12 -8.25
N PRO A 43 -3.45 8.13 -9.12
CA PRO A 43 -4.67 7.33 -8.87
C PRO A 43 -4.63 6.54 -7.57
N PHE A 44 -3.45 6.31 -7.00
CA PHE A 44 -3.34 5.66 -5.70
C PHE A 44 -3.68 6.60 -4.55
N LEU A 45 -3.87 7.89 -4.83
CA LEU A 45 -4.12 8.90 -3.80
C LEU A 45 -5.43 9.65 -3.96
N TYR A 46 -5.91 9.88 -5.19
CA TYR A 46 -6.95 10.91 -5.32
C TYR A 46 -8.34 10.41 -4.98
N LYS A 47 -8.52 9.13 -4.67
CA LYS A 47 -9.84 8.71 -4.20
C LYS A 47 -10.06 9.10 -2.75
N GLU A 48 -8.98 9.26 -1.98
CA GLU A 48 -9.04 9.63 -0.57
C GLU A 48 -8.63 11.07 -0.28
N LEU A 49 -7.78 11.65 -1.14
CA LEU A 49 -7.17 12.94 -0.90
C LEU A 49 -7.33 13.81 -2.14
N ARG A 50 -7.32 15.13 -1.93
CA ARG A 50 -7.13 16.07 -3.04
C ARG A 50 -5.64 16.07 -3.42
N VAL A 51 -5.35 15.84 -4.70
CA VAL A 51 -3.97 15.71 -5.15
C VAL A 51 -3.65 16.87 -6.08
N VAL A 52 -2.54 17.56 -5.81
CA VAL A 52 -2.05 18.65 -6.65
C VAL A 52 -0.66 18.28 -7.13
N THR A 53 -0.42 18.41 -8.44
CA THR A 53 0.93 18.35 -9.00
C THR A 53 1.20 19.67 -9.72
N LEU A 54 2.49 19.93 -10.00
CA LEU A 54 2.83 21.17 -10.67
C LEU A 54 4.20 21.02 -11.31
N ASP A 55 4.46 21.87 -12.31
CA ASP A 55 5.79 21.96 -12.93
C ASP A 55 6.59 23.06 -12.25
N LEU A 56 7.65 22.69 -11.53
CA LEU A 56 8.47 23.70 -10.89
C LEU A 56 9.15 24.58 -11.94
N PRO A 57 9.23 25.89 -11.70
CA PRO A 57 9.94 26.78 -12.63
C PRO A 57 11.30 26.21 -13.03
N GLY A 58 11.52 26.14 -14.33
CA GLY A 58 12.70 25.54 -14.91
C GLY A 58 12.50 24.15 -15.50
N HIS A 59 11.38 23.51 -15.21
CA HIS A 59 11.09 22.17 -15.69
C HIS A 59 9.66 22.11 -16.25
N GLY A 60 9.39 21.05 -17.01
CA GLY A 60 8.07 20.90 -17.60
C GLY A 60 7.69 22.14 -18.41
N ILE A 61 6.43 22.56 -18.23
CA ILE A 61 5.91 23.79 -18.82
C ILE A 61 5.93 24.84 -17.71
N SER A 62 6.85 25.80 -17.78
CA SER A 62 7.11 26.68 -16.64
C SER A 62 7.92 27.88 -17.10
N VAL A 63 8.03 28.88 -16.20
CA VAL A 63 8.85 30.06 -16.44
C VAL A 63 10.31 29.74 -16.12
N VAL A 64 11.21 30.55 -16.69
CA VAL A 64 12.59 30.64 -16.27
C VAL A 64 12.88 32.10 -15.93
N THR A 65 13.30 32.36 -14.69
CA THR A 65 13.55 33.70 -14.21
C THR A 65 15.00 33.76 -13.78
N GLY A 66 15.87 34.19 -14.68
CA GLY A 66 17.26 34.43 -14.36
C GLY A 66 18.17 33.23 -14.51
N GLU A 67 19.37 33.38 -13.93
CA GLU A 67 20.37 32.33 -14.01
C GLU A 67 20.26 31.29 -12.91
N GLU A 68 19.49 31.58 -11.86
CA GLU A 68 19.35 30.65 -10.74
C GLU A 68 17.91 30.68 -10.27
N HIS A 69 17.36 29.49 -10.00
CA HIS A 69 16.09 29.31 -9.31
C HIS A 69 16.41 28.81 -7.92
N SER A 70 16.43 29.71 -6.94
CA SER A 70 16.78 29.29 -5.59
C SER A 70 15.66 28.44 -4.99
N MET A 71 16.02 27.58 -4.04
CA MET A 71 14.99 26.76 -3.40
C MET A 71 13.95 27.62 -2.69
N GLU A 72 14.36 28.78 -2.15
CA GLU A 72 13.42 29.73 -1.54
C GLU A 72 12.42 30.26 -2.56
N PHE A 73 12.93 30.64 -3.74
CA PHE A 73 12.05 31.11 -4.81
C PHE A 73 11.04 30.04 -5.19
N LEU A 74 11.52 28.81 -5.38
CA LEU A 74 10.62 27.72 -5.74
C LEU A 74 9.59 27.47 -4.65
N ALA A 75 10.02 27.47 -3.38
CA ALA A 75 9.07 27.26 -2.29
C ALA A 75 8.05 28.38 -2.21
N ASP A 76 8.49 29.63 -2.37
CA ASP A 76 7.55 30.75 -2.31
C ASP A 76 6.57 30.70 -3.46
N THR A 77 7.03 30.25 -4.64
CA THR A 77 6.13 30.07 -5.77
C THR A 77 5.05 29.04 -5.44
N VAL A 78 5.44 27.91 -4.86
CA VAL A 78 4.45 26.90 -4.51
C VAL A 78 3.47 27.47 -3.49
N ALA A 79 3.97 28.20 -2.50
CA ALA A 79 3.11 28.75 -1.46
C ALA A 79 2.07 29.71 -2.06
N ASP A 80 2.52 30.62 -2.92
CA ASP A 80 1.60 31.53 -3.59
C ASP A 80 0.59 30.78 -4.43
N ALA A 81 1.02 29.71 -5.11
CA ALA A 81 0.08 28.93 -5.91
C ALA A 81 -1.00 28.29 -5.04
N LEU A 82 -0.60 27.73 -3.89
CA LEU A 82 -1.56 27.07 -3.03
C LEU A 82 -2.58 28.06 -2.46
N ARG A 83 -2.13 29.26 -2.08
CA ARG A 83 -3.08 30.26 -1.62
C ARG A 83 -4.05 30.64 -2.75
N ALA A 84 -3.53 30.78 -3.97
CA ALA A 84 -4.40 31.12 -5.10
C ALA A 84 -5.40 30.00 -5.40
N LEU A 85 -5.01 28.74 -5.18
CA LEU A 85 -5.93 27.62 -5.33
C LEU A 85 -6.90 27.48 -4.17
N GLY A 86 -6.73 28.27 -3.09
CA GLY A 86 -7.57 28.09 -1.93
C GLY A 86 -7.22 26.90 -1.08
N ILE A 87 -5.94 26.54 -1.02
CA ILE A 87 -5.48 25.41 -0.23
C ILE A 87 -4.62 25.94 0.92
N PRO A 88 -5.20 26.16 2.11
CA PRO A 88 -4.40 26.73 3.20
C PRO A 88 -3.40 25.76 3.81
N ARG A 89 -3.67 24.47 3.75
CA ARG A 89 -2.84 23.46 4.43
C ARG A 89 -2.71 22.25 3.53
N CYS A 90 -1.50 21.69 3.45
CA CYS A 90 -1.32 20.48 2.66
C CYS A 90 -0.26 19.61 3.31
N THR A 91 -0.18 18.36 2.83
CA THR A 91 0.98 17.51 3.08
C THR A 91 1.84 17.62 1.82
N LEU A 92 3.06 18.11 1.97
CA LEU A 92 3.92 18.40 0.83
C LEU A 92 4.93 17.28 0.65
N VAL A 93 4.91 16.65 -0.52
CA VAL A 93 5.75 15.50 -0.83
C VAL A 93 6.76 15.93 -1.88
N GLY A 94 8.04 15.83 -1.55
CA GLY A 94 9.07 16.27 -2.47
C GLY A 94 9.99 15.14 -2.88
N HIS A 95 10.09 14.89 -4.20
CA HIS A 95 10.99 13.87 -4.72
C HIS A 95 12.36 14.49 -5.01
N SER A 96 13.37 14.08 -4.25
CA SER A 96 14.76 14.49 -4.48
C SER A 96 14.90 16.03 -4.53
N MET A 97 15.17 16.60 -5.73
CA MET A 97 15.16 18.07 -5.85
C MET A 97 13.86 18.67 -5.31
N GLY A 98 12.73 18.02 -5.58
CA GLY A 98 11.46 18.46 -5.01
C GLY A 98 11.48 18.47 -3.49
N GLY A 99 12.23 17.55 -2.89
CA GLY A 99 12.40 17.57 -1.45
C GLY A 99 13.17 18.78 -0.96
N TYR A 100 14.17 19.24 -1.74
CA TYR A 100 14.87 20.46 -1.35
C TYR A 100 13.91 21.65 -1.36
N VAL A 101 12.99 21.68 -2.33
CA VAL A 101 11.98 22.73 -2.36
C VAL A 101 11.08 22.60 -1.14
N ALA A 102 10.68 21.36 -0.83
CA ALA A 102 9.80 21.12 0.31
C ALA A 102 10.46 21.53 1.62
N LEU A 103 11.79 21.39 1.72
CA LEU A 103 12.48 21.83 2.93
C LEU A 103 12.47 23.34 3.07
N ALA A 104 12.71 24.06 1.97
CA ALA A 104 12.60 25.53 2.04
C ALA A 104 11.18 25.95 2.36
N PHE A 105 10.19 25.19 1.88
CA PHE A 105 8.79 25.46 2.19
C PHE A 105 8.50 25.22 3.66
N CYS A 106 9.06 24.14 4.22
CA CYS A 106 8.92 23.87 5.65
C CYS A 106 9.54 24.99 6.47
N GLU A 107 10.65 25.56 5.99
CA GLU A 107 11.32 26.64 6.71
C GLU A 107 10.50 27.93 6.64
N ARG A 108 10.01 28.28 5.45
CA ARG A 108 9.45 29.60 5.20
C ARG A 108 7.93 29.66 5.30
N HIS A 109 7.25 28.53 5.17
CA HIS A 109 5.79 28.51 5.21
C HIS A 109 5.23 27.33 6.00
N PRO A 110 5.73 27.08 7.22
CA PRO A 110 5.23 25.91 7.97
C PRO A 110 3.76 25.99 8.31
N ASP A 111 3.18 27.20 8.37
CA ASP A 111 1.75 27.31 8.60
C ASP A 111 0.93 26.62 7.52
N MET A 112 1.49 26.44 6.33
CA MET A 112 0.73 25.84 5.22
C MET A 112 0.91 24.33 5.15
N LEU A 113 1.57 23.74 6.13
CA LEU A 113 1.90 22.32 6.11
C LEU A 113 1.21 21.58 7.24
N ASN A 114 0.49 20.53 6.90
CA ASN A 114 0.14 19.50 7.89
C ASN A 114 1.24 18.48 8.07
N GLY A 115 2.15 18.38 7.11
CA GLY A 115 3.31 17.49 7.23
C GLY A 115 4.15 17.63 5.98
N VAL A 116 5.37 17.10 6.04
CA VAL A 116 6.29 17.12 4.91
C VAL A 116 6.86 15.72 4.71
N VAL A 117 6.99 15.32 3.45
CA VAL A 117 7.49 14.00 3.09
C VAL A 117 8.71 14.20 2.22
N LEU A 118 9.84 13.65 2.63
CA LEU A 118 11.04 13.65 1.80
C LEU A 118 11.11 12.28 1.14
N LEU A 119 10.82 12.24 -0.15
CA LEU A 119 10.80 11.01 -0.94
C LEU A 119 12.12 10.95 -1.70
N SER A 120 13.05 10.14 -1.18
CA SER A 120 14.42 10.06 -1.68
C SER A 120 15.03 11.45 -1.85
N SER A 121 15.11 12.15 -0.73
CA SER A 121 15.74 13.45 -0.67
C SER A 121 16.44 13.51 0.68
N THR A 122 17.43 14.37 0.80
CA THR A 122 18.10 14.56 2.09
C THR A 122 18.14 16.04 2.39
N PRO A 123 18.38 16.41 3.65
CA PRO A 123 18.50 17.83 4.01
C PRO A 123 19.91 18.38 3.94
N ASN A 124 20.88 17.62 3.42
CA ASN A 124 22.26 18.08 3.38
C ASN A 124 22.48 19.04 2.22
N ALA A 125 23.45 19.93 2.38
CA ALA A 125 23.83 20.77 1.24
C ALA A 125 24.60 19.93 0.22
N ASP A 126 24.81 20.53 -0.95
CA ASP A 126 25.61 19.89 -1.99
C ASP A 126 27.02 19.63 -1.48
N THR A 127 27.52 18.41 -1.70
CA THR A 127 28.94 18.17 -1.49
C THR A 127 29.74 18.93 -2.56
N PRO A 128 31.00 19.24 -2.28
CA PRO A 128 31.81 19.89 -3.32
C PRO A 128 31.89 19.08 -4.61
N GLU A 129 32.00 17.76 -4.50
CA GLU A 129 32.06 16.92 -5.69
C GLU A 129 30.77 17.01 -6.50
N LYS A 130 29.61 16.96 -5.82
CA LYS A 130 28.35 17.07 -6.53
C LYS A 130 28.22 18.41 -7.24
N SER A 131 28.60 19.51 -6.57
CA SER A 131 28.48 20.82 -7.20
C SER A 131 29.36 20.91 -8.43
N GLU A 132 30.55 20.31 -8.36
CA GLU A 132 31.44 20.29 -9.53
C GLU A 132 30.78 19.56 -10.68
N ASN A 133 30.13 18.43 -10.40
CA ASN A 133 29.41 17.71 -11.45
C ASN A 133 28.22 18.51 -11.96
N ARG A 134 27.57 19.29 -11.10
CA ARG A 134 26.46 20.11 -11.60
C ARG A 134 26.97 21.20 -12.52
N ARG A 135 28.14 21.78 -12.21
CA ARG A 135 28.75 22.75 -13.12
C ARG A 135 29.12 22.08 -14.44
N ARG A 136 29.55 20.82 -14.39
CA ARG A 136 29.80 20.11 -15.64
C ARG A 136 28.53 19.98 -16.46
N GLU A 137 27.40 19.68 -15.81
CA GLU A 137 26.15 19.58 -16.55
C GLU A 137 25.71 20.94 -17.10
N ILE A 138 25.90 22.02 -16.34
CA ILE A 138 25.62 23.36 -16.85
C ILE A 138 26.44 23.62 -18.11
N ALA A 139 27.72 23.30 -18.06
CA ALA A 139 28.59 23.49 -19.23
C ALA A 139 28.11 22.67 -20.41
N LEU A 140 27.70 21.41 -20.18
CA LEU A 140 27.18 20.59 -21.27
C LEU A 140 25.95 21.23 -21.90
N VAL A 141 25.03 21.74 -21.08
CA VAL A 141 23.81 22.35 -21.60
C VAL A 141 24.15 23.57 -22.44
N LYS A 142 24.99 24.46 -21.91
CA LYS A 142 25.35 25.67 -22.63
C LYS A 142 26.06 25.35 -23.95
N ALA A 143 26.68 24.19 -24.06
CA ALA A 143 27.35 23.77 -25.29
C ALA A 143 26.40 23.08 -26.27
N GLY A 144 25.11 23.04 -25.98
CA GLY A 144 24.17 22.36 -26.84
C GLY A 144 24.09 20.87 -26.66
N LYS A 145 24.65 20.33 -25.56
CA LYS A 145 24.74 18.89 -25.35
C LYS A 145 23.79 18.42 -24.25
N LYS A 146 22.63 19.06 -24.12
CA LYS A 146 21.65 18.63 -23.12
C LYS A 146 21.28 17.16 -23.32
N ASP A 147 21.35 16.66 -24.55
CA ASP A 147 21.03 15.26 -24.81
C ASP A 147 21.92 14.33 -24.01
N ALA A 148 23.14 14.77 -23.68
CA ALA A 148 24.04 13.92 -22.91
C ALA A 148 23.48 13.64 -21.52
N LEU A 149 22.70 14.58 -20.97
CA LEU A 149 22.06 14.35 -19.68
C LEU A 149 21.04 13.22 -19.77
N ALA A 150 20.42 13.04 -20.94
CA ALA A 150 19.37 12.03 -21.09
C ALA A 150 19.89 10.60 -21.09
N ARG A 151 21.22 10.39 -21.12
CA ARG A 151 21.75 9.05 -21.32
C ARG A 151 21.82 8.25 -20.01
N VAL A 152 22.15 8.90 -18.91
CA VAL A 152 22.43 8.22 -17.65
C VAL A 152 21.31 8.42 -16.62
N ALA A 153 20.95 9.67 -16.37
CA ALA A 153 20.01 9.98 -15.29
C ALA A 153 18.69 9.20 -15.34
N PRO A 154 18.04 9.01 -16.50
CA PRO A 154 16.73 8.33 -16.46
C PRO A 154 16.77 6.90 -15.93
N GLU A 155 17.84 6.15 -16.20
CA GLU A 155 17.91 4.78 -15.69
C GLU A 155 18.53 4.71 -14.30
N ALA A 156 19.46 5.63 -14.00
CA ALA A 156 20.26 5.51 -12.78
C ALA A 156 19.44 5.75 -11.52
N GLY A 157 18.27 6.38 -11.63
CA GLY A 157 17.42 6.56 -10.47
C GLY A 157 16.70 5.31 -10.01
N PHE A 158 16.67 4.27 -10.84
CA PHE A 158 16.01 3.04 -10.46
C PHE A 158 16.99 2.08 -9.80
N ALA A 159 16.47 1.21 -8.94
CA ALA A 159 17.26 0.07 -8.51
C ALA A 159 17.76 -0.66 -9.75
N GLU A 160 19.04 -1.04 -9.72
CA GLU A 160 19.64 -1.72 -10.86
C GLU A 160 18.78 -2.88 -11.34
N ASP A 161 18.23 -3.66 -10.42
CA ASP A 161 17.47 -4.84 -10.81
C ASP A 161 16.06 -4.52 -11.28
N ASN A 162 15.66 -3.23 -11.31
CA ASN A 162 14.37 -2.85 -11.85
C ASN A 162 14.46 -2.23 -13.23
N ARG A 163 15.66 -2.19 -13.82
CA ARG A 163 15.81 -1.49 -15.09
C ARG A 163 14.98 -2.14 -16.19
N THR A 164 14.86 -3.48 -16.19
CA THR A 164 14.04 -4.12 -17.21
C THR A 164 12.56 -3.81 -16.98
N ARG A 165 12.09 -4.03 -15.76
CA ARG A 165 10.68 -3.84 -15.43
C ARG A 165 10.26 -2.39 -15.65
N MET A 166 11.16 -1.44 -15.42
CA MET A 166 10.85 -0.02 -15.51
C MET A 166 11.23 0.60 -16.84
N LYS A 167 11.44 -0.21 -17.89
CA LYS A 167 12.01 0.35 -19.10
C LYS A 167 11.07 1.37 -19.76
N ASP A 168 9.75 1.21 -19.62
CA ASP A 168 8.85 2.21 -20.19
C ASP A 168 8.98 3.54 -19.46
N TYR A 169 9.15 3.52 -18.14
CA TYR A 169 9.32 4.78 -17.42
C TYR A 169 10.66 5.41 -17.75
N ILE A 170 11.69 4.58 -17.95
CA ILE A 170 13.00 5.10 -18.32
C ILE A 170 12.91 5.80 -19.67
N GLU A 171 12.12 5.25 -20.59
CA GLU A 171 11.90 5.93 -21.87
C GLU A 171 11.11 7.22 -21.68
N ASP A 172 10.07 7.19 -20.84
CA ASP A 172 9.33 8.40 -20.51
C ASP A 172 10.28 9.49 -20.03
N LEU A 173 11.19 9.14 -19.12
CA LEU A 173 12.09 10.13 -18.54
C LEU A 173 13.13 10.60 -19.55
N THR A 174 13.56 9.71 -20.44
CA THR A 174 14.46 10.11 -21.51
C THR A 174 13.82 11.19 -22.38
N GLU A 175 12.56 10.97 -22.76
CA GLU A 175 11.84 11.95 -23.57
C GLU A 175 11.59 13.24 -22.81
N GLN A 176 11.42 13.15 -21.48
CA GLN A 176 11.20 14.36 -20.70
C GLN A 176 12.37 15.33 -20.83
N VAL A 177 13.60 14.81 -20.93
CA VAL A 177 14.77 15.69 -21.03
C VAL A 177 14.69 16.54 -22.29
N ALA A 178 14.24 15.96 -23.39
CA ALA A 178 14.23 16.68 -24.66
C ALA A 178 13.29 17.88 -24.63
N VAL A 179 12.23 17.84 -23.82
CA VAL A 179 11.28 18.93 -23.75
C VAL A 179 11.47 19.79 -22.51
N THR A 180 12.56 19.59 -21.78
CA THR A 180 12.94 20.44 -20.65
C THR A 180 13.82 21.58 -21.17
N GLU A 181 13.51 22.80 -20.75
CA GLU A 181 14.19 23.97 -21.29
C GLU A 181 15.65 24.03 -20.84
N ASP A 182 16.55 24.29 -21.80
CA ASP A 182 17.97 24.40 -21.48
C ASP A 182 18.20 25.35 -20.31
N GLU A 183 17.64 26.56 -20.39
CA GLU A 183 17.90 27.58 -19.38
C GLU A 183 17.26 27.22 -18.05
N GLY A 184 16.18 26.43 -18.08
CA GLY A 184 15.58 25.96 -16.84
C GLY A 184 16.46 24.94 -16.13
N ILE A 185 17.10 24.05 -16.90
CA ILE A 185 18.04 23.11 -16.30
C ILE A 185 19.18 23.87 -15.62
N VAL A 186 19.69 24.89 -16.30
CA VAL A 186 20.79 25.67 -15.72
C VAL A 186 20.33 26.36 -14.45
N ALA A 187 19.14 26.98 -14.48
CA ALA A 187 18.64 27.69 -13.31
C ALA A 187 18.47 26.76 -12.12
N LEU A 188 17.96 25.55 -12.36
CA LEU A 188 17.74 24.65 -11.23
C LEU A 188 19.03 24.05 -10.72
N LEU A 189 19.99 23.79 -11.61
CA LEU A 189 21.29 23.29 -11.15
C LEU A 189 21.99 24.33 -10.28
N ASN A 190 21.97 25.60 -10.69
CA ASN A 190 22.54 26.63 -9.84
C ASN A 190 21.80 26.73 -8.51
N GLY A 191 20.48 26.57 -8.53
CA GLY A 191 19.73 26.60 -7.27
C GLY A 191 20.11 25.46 -6.33
N MET A 192 20.33 24.26 -6.88
CA MET A 192 20.72 23.14 -6.01
C MET A 192 22.15 23.32 -5.50
N ILE A 193 23.05 23.86 -6.32
CA ILE A 193 24.40 24.17 -5.84
C ILE A 193 24.33 25.08 -4.62
N ALA A 194 23.42 26.05 -4.66
CA ALA A 194 23.32 27.13 -3.68
C ALA A 194 22.54 26.76 -2.44
N ARG A 195 21.83 25.63 -2.43
CA ARG A 195 20.87 25.37 -1.35
C ARG A 195 21.56 25.20 0.00
N LYS A 196 20.81 25.46 1.06
CA LYS A 196 21.32 25.42 2.42
C LYS A 196 21.16 24.02 3.02
N ASP A 197 22.01 23.72 4.00
CA ASP A 197 21.78 22.59 4.88
C ASP A 197 20.54 22.85 5.72
N GLN A 198 19.60 21.90 5.71
CA GLN A 198 18.32 22.08 6.38
C GLN A 198 18.12 21.14 7.56
N ASN A 199 19.20 20.52 8.07
CA ASN A 199 19.05 19.56 9.14
C ASN A 199 18.58 20.22 10.44
N GLU A 200 19.19 21.34 10.81
CA GLU A 200 18.76 22.03 12.04
C GLU A 200 17.33 22.51 11.92
N MET A 201 16.95 23.05 10.75
CA MET A 201 15.58 23.45 10.50
C MET A 201 14.60 22.31 10.78
N LEU A 202 14.87 21.13 10.21
CA LEU A 202 13.98 19.99 10.40
C LEU A 202 13.84 19.64 11.88
N ARG A 203 14.95 19.58 12.60
CA ARG A 203 14.86 19.24 14.02
C ARG A 203 14.06 20.27 14.80
N ALA A 204 14.16 21.54 14.41
CA ALA A 204 13.44 22.60 15.11
C ALA A 204 11.99 22.72 14.70
N SER A 205 11.59 22.07 13.61
CA SER A 205 10.30 22.33 13.01
C SER A 205 9.18 21.64 13.76
N LYS A 206 8.05 22.31 13.89
CA LYS A 206 6.88 21.68 14.46
C LYS A 206 6.10 20.85 13.46
N VAL A 207 6.52 20.85 12.20
CA VAL A 207 5.79 20.16 11.14
C VAL A 207 6.11 18.67 11.21
N PRO A 208 5.12 17.78 11.23
CA PRO A 208 5.41 16.34 11.20
C PRO A 208 6.18 15.96 9.94
N GLN A 209 7.09 14.99 10.07
CA GLN A 209 8.01 14.65 8.98
C GLN A 209 8.01 13.15 8.71
N LEU A 210 8.10 12.80 7.42
CA LEU A 210 8.20 11.41 6.96
C LEU A 210 9.33 11.35 5.95
N PHE A 211 10.21 10.37 6.10
CA PHE A 211 11.24 10.05 5.11
C PHE A 211 10.83 8.76 4.42
N ILE A 212 10.82 8.75 3.09
CA ILE A 212 10.64 7.53 2.32
C ILE A 212 11.93 7.30 1.55
N LEU A 213 12.61 6.18 1.82
CA LEU A 213 13.98 6.01 1.36
C LEU A 213 14.15 4.61 0.78
N GLY A 214 14.73 4.53 -0.41
CA GLY A 214 14.96 3.24 -1.02
C GLY A 214 16.21 2.58 -0.46
N ARG A 215 16.21 1.24 -0.49
CA ARG A 215 17.36 0.47 -0.05
C ARG A 215 18.36 0.17 -1.16
N LYS A 216 18.01 0.48 -2.42
CA LYS A 216 18.86 0.22 -3.57
C LYS A 216 19.12 1.49 -4.39
N ASP A 217 19.23 2.63 -3.71
CA ASP A 217 19.32 3.94 -4.35
C ASP A 217 20.77 4.32 -4.61
N ASN A 218 21.14 4.44 -5.89
CA ASN A 218 22.49 4.85 -6.28
C ASN A 218 22.85 6.22 -5.69
N TYR A 219 21.89 7.13 -5.60
CA TYR A 219 22.16 8.49 -5.16
C TYR A 219 22.19 8.61 -3.64
N ILE A 220 21.45 7.76 -2.94
CA ILE A 220 21.40 7.80 -1.48
C ILE A 220 21.65 6.38 -0.98
N PRO A 221 22.91 5.94 -0.93
CA PRO A 221 23.21 4.59 -0.45
C PRO A 221 22.77 4.42 0.99
N VAL A 222 22.59 3.16 1.38
CA VAL A 222 22.01 2.83 2.68
C VAL A 222 22.73 3.53 3.83
N GLU A 223 24.06 3.60 3.77
CA GLU A 223 24.75 4.18 4.92
C GLU A 223 24.57 5.69 4.98
N ALA A 224 24.44 6.34 3.82
CA ALA A 224 24.08 7.76 3.83
C ALA A 224 22.67 7.94 4.38
N ALA A 225 21.76 7.03 4.00
CA ALA A 225 20.38 7.13 4.46
C ALA A 225 20.27 6.84 5.94
N GLU A 226 20.98 5.82 6.44
CA GLU A 226 20.91 5.50 7.86
C GLU A 226 21.45 6.65 8.71
N LYS A 227 22.49 7.34 8.21
CA LYS A 227 23.01 8.48 8.96
C LYS A 227 21.99 9.60 9.03
N MET A 228 21.26 9.83 7.93
CA MET A 228 20.21 10.83 7.92
C MET A 228 19.11 10.49 8.93
N VAL A 229 18.69 9.23 8.94
CA VAL A 229 17.61 8.79 9.83
C VAL A 229 18.00 9.00 11.29
N LYS A 230 19.24 8.66 11.63
CA LYS A 230 19.65 8.71 13.03
C LYS A 230 19.76 10.13 13.56
N GLU A 231 19.92 11.12 12.68
CA GLU A 231 19.98 12.51 13.09
C GLU A 231 18.61 13.14 13.26
N HIS A 232 17.54 12.42 12.90
CA HIS A 232 16.19 12.98 12.85
C HIS A 232 15.24 12.03 13.57
N LEU A 233 15.39 11.99 14.90
CA LEU A 233 14.54 11.18 15.76
C LEU A 233 13.06 11.54 15.60
N GLN A 234 12.76 12.80 15.26
CA GLN A 234 11.38 13.25 15.18
C GLN A 234 10.67 12.74 13.94
N ALA A 235 11.42 12.25 12.96
CA ALA A 235 10.83 11.88 11.68
C ALA A 235 10.49 10.40 11.66
N ARG A 236 9.34 10.08 11.05
CA ARG A 236 9.00 8.69 10.72
C ARG A 236 9.76 8.29 9.46
N VAL A 237 10.11 7.01 9.37
CA VAL A 237 10.86 6.49 8.22
C VAL A 237 10.13 5.29 7.64
N VAL A 238 9.98 5.28 6.32
CA VAL A 238 9.54 4.09 5.60
C VAL A 238 10.65 3.72 4.62
N TRP A 239 11.13 2.49 4.73
CA TRP A 239 12.17 1.97 3.84
C TRP A 239 11.50 1.18 2.72
N LEU A 240 11.90 1.45 1.48
CA LEU A 240 11.39 0.72 0.33
C LEU A 240 12.46 -0.30 -0.05
N GLU A 241 12.20 -1.56 0.25
CA GLU A 241 13.25 -2.57 0.20
C GLU A 241 13.69 -2.86 -1.22
N ASN A 242 12.81 -2.66 -2.19
CA ASN A 242 13.08 -3.01 -3.58
C ASN A 242 12.97 -1.79 -4.48
N SER A 243 13.38 -0.64 -3.96
CA SER A 243 13.36 0.61 -4.71
C SER A 243 14.72 1.28 -4.62
N GLY A 244 15.03 2.06 -5.65
CA GLY A 244 16.16 2.95 -5.61
C GLY A 244 15.67 4.34 -5.27
N HIS A 245 15.87 5.28 -6.21
CA HIS A 245 15.47 6.67 -6.07
C HIS A 245 14.03 6.91 -6.52
N MET A 246 13.38 5.91 -7.12
CA MET A 246 12.12 6.11 -7.81
C MET A 246 10.99 5.31 -7.20
N GLY A 247 10.90 5.31 -5.88
CA GLY A 247 10.01 4.40 -5.19
C GLY A 247 8.55 4.52 -5.56
N PHE A 248 8.10 5.73 -5.92
CA PHE A 248 6.69 5.89 -6.26
C PHE A 248 6.34 5.26 -7.60
N LEU A 249 7.35 4.92 -8.41
CA LEU A 249 7.17 4.11 -9.61
C LEU A 249 7.53 2.65 -9.37
N GLU A 250 8.53 2.39 -8.52
CA GLU A 250 9.02 1.02 -8.33
C GLU A 250 8.13 0.23 -7.38
N GLU A 251 7.66 0.87 -6.31
CA GLU A 251 6.72 0.27 -5.36
C GLU A 251 5.59 1.27 -5.09
N PRO A 252 4.72 1.48 -6.06
CA PRO A 252 3.70 2.55 -5.94
C PRO A 252 2.68 2.33 -4.83
N GLU A 253 2.09 1.13 -4.72
CA GLU A 253 1.08 0.94 -3.68
C GLU A 253 1.69 1.11 -2.29
N THR A 254 2.92 0.61 -2.08
CA THR A 254 3.57 0.75 -0.79
C THR A 254 3.89 2.21 -0.49
N THR A 255 4.43 2.93 -1.48
CA THR A 255 4.71 4.35 -1.30
C THR A 255 3.43 5.15 -1.03
N ALA A 256 2.37 4.88 -1.81
CA ALA A 256 1.09 5.55 -1.55
C ALA A 256 0.56 5.25 -0.15
N ARG A 257 0.67 4.00 0.30
CA ARG A 257 0.20 3.66 1.65
C ARG A 257 0.97 4.44 2.70
N ALA A 258 2.28 4.58 2.53
CA ALA A 258 3.07 5.36 3.46
C ALA A 258 2.56 6.79 3.56
N ILE A 259 2.23 7.40 2.43
CA ILE A 259 1.76 8.78 2.42
C ILE A 259 0.37 8.86 3.04
N LEU A 260 -0.52 7.94 2.66
CA LEU A 260 -1.89 7.98 3.18
C LEU A 260 -1.92 7.76 4.69
N ASP A 261 -1.12 6.82 5.19
CA ASP A 261 -1.04 6.59 6.63
C ASP A 261 -0.53 7.82 7.35
N PHE A 262 0.44 8.50 6.74
CA PHE A 262 1.02 9.70 7.31
C PHE A 262 0.01 10.84 7.37
N VAL A 263 -0.74 11.03 6.28
CA VAL A 263 -1.71 12.11 6.23
C VAL A 263 -2.83 11.88 7.24
N ASN A 264 -3.22 10.62 7.44
CA ASN A 264 -4.22 10.31 8.44
C ASN A 264 -3.67 10.25 9.86
N GLY A 265 -2.40 10.62 10.05
CA GLY A 265 -1.81 10.71 11.37
C GLY A 265 -1.71 9.38 12.09
N MET B 1 7.13 -18.28 10.70
CA MET B 1 8.43 -18.36 11.35
C MET B 1 8.33 -18.71 12.83
N ILE B 2 7.37 -18.10 13.54
CA ILE B 2 7.20 -18.31 14.98
C ILE B 2 5.99 -19.22 15.19
N GLU B 3 6.21 -20.36 15.85
CA GLU B 3 5.15 -21.31 16.09
C GLU B 3 4.34 -20.89 17.31
N LYS B 4 3.02 -21.00 17.20
CA LYS B 4 2.12 -20.50 18.23
C LYS B 4 0.94 -21.45 18.37
N PHE B 5 0.46 -21.58 19.61
CA PHE B 5 -0.83 -22.21 19.90
C PHE B 5 -1.72 -21.13 20.46
N ILE B 6 -2.81 -20.83 19.76
CA ILE B 6 -3.70 -19.72 20.14
C ILE B 6 -5.11 -20.24 20.31
N MET B 7 -5.95 -19.43 20.95
CA MET B 7 -7.38 -19.64 20.98
C MET B 7 -8.03 -18.80 19.87
N ALA B 8 -8.46 -19.47 18.81
CA ALA B 8 -9.27 -18.84 17.75
C ALA B 8 -10.72 -18.91 18.20
N GLY B 9 -11.19 -17.87 18.88
CA GLY B 9 -12.46 -17.92 19.54
C GLY B 9 -12.51 -19.09 20.50
N PRO B 10 -13.45 -20.02 20.30
CA PRO B 10 -13.54 -21.19 21.17
C PRO B 10 -12.71 -22.39 20.75
N THR B 11 -11.93 -22.27 19.67
CA THR B 11 -11.19 -23.38 19.09
C THR B 11 -9.70 -23.12 19.20
N ALA B 12 -8.98 -24.00 19.92
CA ALA B 12 -7.53 -23.93 19.91
C ALA B 12 -7.01 -24.18 18.50
N LEU B 13 -5.91 -23.51 18.14
CA LEU B 13 -5.43 -23.59 16.76
C LEU B 13 -3.91 -23.48 16.73
N HIS B 14 -3.29 -24.36 15.95
CA HIS B 14 -1.84 -24.40 15.77
C HIS B 14 -1.50 -23.49 14.58
N VAL B 15 -0.64 -22.48 14.80
CA VAL B 15 -0.32 -21.52 13.75
C VAL B 15 1.17 -21.26 13.73
N CYS B 16 1.62 -20.72 12.60
CA CYS B 16 2.97 -20.20 12.44
C CYS B 16 2.85 -18.79 11.88
N ASP B 17 3.65 -17.87 12.40
CA ASP B 17 3.43 -16.44 12.17
C ASP B 17 4.79 -15.76 12.02
N SER B 18 5.06 -15.17 10.85
CA SER B 18 6.33 -14.47 10.71
C SER B 18 6.30 -13.08 11.34
N GLN B 19 5.13 -12.59 11.74
CA GLN B 19 4.93 -11.46 12.64
C GLN B 19 5.19 -10.10 11.99
N LYS B 20 6.28 -9.96 11.25
CA LYS B 20 6.69 -8.66 10.72
C LYS B 20 6.09 -8.40 9.35
N GLY B 21 5.62 -7.17 9.14
CA GLY B 21 5.10 -6.75 7.84
C GLY B 21 3.74 -6.10 7.95
N ASP B 22 3.48 -5.09 7.11
CA ASP B 22 2.20 -4.41 7.14
C ASP B 22 1.13 -5.14 6.32
N LYS B 23 1.54 -5.88 5.30
CA LYS B 23 0.63 -6.66 4.47
C LYS B 23 0.76 -8.13 4.85
N CYS B 24 -0.36 -8.77 5.15
CA CYS B 24 -0.40 -10.12 5.66
C CYS B 24 -0.96 -11.07 4.60
N VAL B 25 -0.28 -12.20 4.42
CA VAL B 25 -0.81 -13.30 3.60
C VAL B 25 -0.99 -14.51 4.51
N VAL B 26 -2.12 -15.19 4.37
CA VAL B 26 -2.44 -16.38 5.15
C VAL B 26 -2.49 -17.56 4.19
N LEU B 27 -1.74 -18.63 4.49
CA LEU B 27 -1.66 -19.80 3.62
C LEU B 27 -2.43 -20.96 4.22
N LEU B 28 -3.37 -21.52 3.44
CA LEU B 28 -4.22 -22.62 3.89
C LEU B 28 -3.91 -23.88 3.10
N HIS B 29 -3.40 -24.91 3.79
CA HIS B 29 -3.02 -26.17 3.17
C HIS B 29 -4.25 -26.91 2.65
N GLY B 30 -4.01 -28.00 1.93
CA GLY B 30 -5.04 -28.80 1.34
C GLY B 30 -5.23 -30.13 2.04
N TYR B 31 -5.96 -31.02 1.36
CA TYR B 31 -6.29 -32.32 1.93
C TYR B 31 -5.05 -33.18 2.04
N LEU B 32 -4.90 -33.85 3.20
CA LEU B 32 -3.75 -34.68 3.57
C LEU B 32 -2.45 -33.87 3.62
N GLU B 33 -2.55 -32.55 3.78
CA GLU B 33 -1.41 -31.69 4.05
C GLU B 33 -1.56 -31.12 5.45
N SER B 34 -0.55 -30.37 5.87
CA SER B 34 -0.64 -29.55 7.07
C SER B 34 0.16 -28.29 6.81
N MET B 35 0.31 -27.44 7.84
CA MET B 35 1.10 -26.22 7.69
C MET B 35 2.52 -26.53 7.21
N LEU B 36 3.00 -27.76 7.46
CA LEU B 36 4.36 -28.13 7.09
C LEU B 36 4.58 -28.08 5.59
N VAL B 37 3.53 -28.23 4.78
CA VAL B 37 3.73 -28.26 3.35
C VAL B 37 4.29 -26.94 2.85
N TRP B 38 4.08 -25.86 3.59
CA TRP B 38 4.51 -24.53 3.16
C TRP B 38 5.94 -24.18 3.60
N GLU B 39 6.60 -25.05 4.37
CA GLU B 39 7.83 -24.67 5.08
C GLU B 39 8.89 -24.07 4.15
N ASP B 40 9.09 -24.67 2.98
CA ASP B 40 10.11 -24.17 2.05
C ASP B 40 9.59 -23.05 1.15
N PHE B 41 8.28 -22.82 1.13
CA PHE B 41 7.70 -21.75 0.31
C PHE B 41 7.69 -20.41 1.04
N VAL B 42 7.45 -20.40 2.35
CA VAL B 42 7.32 -19.16 3.12
C VAL B 42 8.56 -18.26 3.00
N PRO B 43 9.80 -18.76 2.87
CA PRO B 43 10.93 -17.81 2.74
C PRO B 43 10.86 -16.96 1.49
N PHE B 44 10.14 -17.40 0.46
CA PHE B 44 9.93 -16.57 -0.72
C PHE B 44 8.96 -15.43 -0.48
N LEU B 45 8.28 -15.40 0.68
CA LEU B 45 7.29 -14.37 0.98
C LEU B 45 7.58 -13.52 2.20
N TYR B 46 8.18 -14.06 3.27
CA TYR B 46 8.12 -13.36 4.55
C TYR B 46 9.12 -12.21 4.67
N LYS B 47 9.99 -11.98 3.68
CA LYS B 47 10.78 -10.76 3.71
C LYS B 47 9.93 -9.54 3.36
N GLU B 48 8.88 -9.72 2.57
CA GLU B 48 8.02 -8.63 2.13
C GLU B 48 6.68 -8.61 2.84
N LEU B 49 6.21 -9.76 3.32
CA LEU B 49 4.87 -9.90 3.88
C LEU B 49 4.95 -10.55 5.26
N ARG B 50 3.96 -10.27 6.10
CA ARG B 50 3.70 -11.08 7.28
C ARG B 50 2.97 -12.35 6.85
N VAL B 51 3.60 -13.51 7.04
CA VAL B 51 3.08 -14.79 6.57
C VAL B 51 2.54 -15.57 7.75
N VAL B 52 1.30 -16.07 7.61
CA VAL B 52 0.66 -16.90 8.64
C VAL B 52 0.31 -18.23 7.98
N THR B 53 0.67 -19.33 8.63
CA THR B 53 0.21 -20.64 8.22
C THR B 53 -0.51 -21.26 9.41
N LEU B 54 -1.28 -22.30 9.15
CA LEU B 54 -2.03 -22.91 10.25
C LEU B 54 -2.45 -24.32 9.86
N ASP B 55 -2.73 -25.13 10.87
CA ASP B 55 -3.26 -26.48 10.68
C ASP B 55 -4.79 -26.40 10.77
N LEU B 56 -5.46 -26.63 9.65
CA LEU B 56 -6.92 -26.60 9.67
C LEU B 56 -7.45 -27.72 10.56
N PRO B 57 -8.47 -27.46 11.39
CA PRO B 57 -9.10 -28.52 12.19
C PRO B 57 -9.34 -29.79 11.40
N GLY B 58 -8.85 -30.91 11.92
CA GLY B 58 -8.89 -32.18 11.24
C GLY B 58 -7.58 -32.60 10.62
N HIS B 59 -6.62 -31.68 10.48
CA HIS B 59 -5.31 -32.00 9.92
C HIS B 59 -4.21 -31.44 10.83
N GLY B 60 -2.99 -31.91 10.60
CA GLY B 60 -1.85 -31.53 11.41
C GLY B 60 -2.14 -31.74 12.88
N ILE B 61 -1.73 -30.77 13.70
CA ILE B 61 -2.05 -30.73 15.13
C ILE B 61 -3.27 -29.82 15.28
N SER B 62 -4.44 -30.40 15.54
CA SER B 62 -5.66 -29.60 15.53
C SER B 62 -6.77 -30.33 16.26
N VAL B 63 -7.89 -29.61 16.47
CA VAL B 63 -9.10 -30.20 17.06
C VAL B 63 -9.85 -31.02 16.00
N VAL B 64 -10.63 -31.97 16.48
CA VAL B 64 -11.67 -32.63 15.69
C VAL B 64 -12.97 -32.48 16.47
N THR B 65 -13.95 -31.83 15.85
CA THR B 65 -15.21 -31.44 16.46
C THR B 65 -16.29 -32.07 15.59
N GLY B 66 -16.64 -33.32 15.88
CA GLY B 66 -17.74 -33.99 15.22
C GLY B 66 -17.36 -34.84 14.03
N GLU B 67 -18.40 -35.31 13.34
CA GLU B 67 -18.24 -36.13 12.15
C GLU B 67 -18.01 -35.32 10.89
N GLU B 68 -18.21 -34.00 10.93
CA GLU B 68 -18.03 -33.15 9.77
C GLU B 68 -17.41 -31.83 10.18
N HIS B 69 -16.42 -31.38 9.42
CA HIS B 69 -15.89 -30.03 9.52
C HIS B 69 -16.35 -29.29 8.28
N SER B 70 -17.38 -28.45 8.43
CA SER B 70 -17.88 -27.71 7.29
C SER B 70 -16.88 -26.65 6.86
N MET B 71 -16.91 -26.30 5.56
CA MET B 71 -16.04 -25.23 5.10
C MET B 71 -16.36 -23.92 5.81
N GLU B 72 -17.63 -23.72 6.20
CA GLU B 72 -18.00 -22.53 6.95
C GLU B 72 -17.38 -22.52 8.34
N PHE B 73 -17.43 -23.66 9.05
CA PHE B 73 -16.72 -23.78 10.34
C PHE B 73 -15.24 -23.48 10.18
N LEU B 74 -14.62 -24.01 9.13
CA LEU B 74 -13.20 -23.78 8.93
C LEU B 74 -12.91 -22.31 8.63
N ALA B 75 -13.73 -21.67 7.79
CA ALA B 75 -13.52 -20.26 7.50
C ALA B 75 -13.73 -19.40 8.74
N ASP B 76 -14.76 -19.71 9.54
CA ASP B 76 -14.97 -18.96 10.79
C ASP B 76 -13.79 -19.13 11.73
N THR B 77 -13.19 -20.32 11.74
CA THR B 77 -12.03 -20.54 12.60
C THR B 77 -10.85 -19.67 12.17
N VAL B 78 -10.62 -19.57 10.87
CA VAL B 78 -9.56 -18.70 10.37
C VAL B 78 -9.83 -17.25 10.74
N ALA B 79 -11.08 -16.80 10.59
CA ALA B 79 -11.43 -15.42 10.95
C ALA B 79 -11.15 -15.15 12.43
N ASP B 80 -11.57 -16.06 13.32
CA ASP B 80 -11.28 -15.87 14.73
C ASP B 80 -9.78 -15.92 15.00
N ALA B 81 -9.03 -16.69 14.22
CA ALA B 81 -7.58 -16.71 14.39
C ALA B 81 -6.98 -15.36 14.06
N LEU B 82 -7.44 -14.75 12.95
CA LEU B 82 -6.94 -13.43 12.60
C LEU B 82 -7.27 -12.40 13.69
N ARG B 83 -8.48 -12.46 14.24
CA ARG B 83 -8.83 -11.56 15.35
C ARG B 83 -7.92 -11.78 16.55
N ALA B 84 -7.65 -13.04 16.89
CA ALA B 84 -6.76 -13.34 18.01
C ALA B 84 -5.33 -12.87 17.74
N LEU B 85 -4.90 -12.89 16.48
CA LEU B 85 -3.57 -12.47 16.10
C LEU B 85 -3.48 -10.96 15.89
N GLY B 86 -4.61 -10.26 15.88
CA GLY B 86 -4.57 -8.82 15.68
C GLY B 86 -4.39 -8.42 14.24
N ILE B 87 -4.93 -9.21 13.31
CA ILE B 87 -4.77 -9.01 11.88
C ILE B 87 -6.15 -8.66 11.31
N PRO B 88 -6.41 -7.39 10.99
CA PRO B 88 -7.75 -7.03 10.53
C PRO B 88 -8.03 -7.46 9.11
N ARG B 89 -7.00 -7.55 8.27
CA ARG B 89 -7.17 -7.85 6.85
C ARG B 89 -5.99 -8.65 6.35
N CYS B 90 -6.26 -9.56 5.42
CA CYS B 90 -5.20 -10.38 4.84
C CYS B 90 -5.55 -10.71 3.40
N THR B 91 -4.55 -11.22 2.68
CA THR B 91 -4.75 -11.94 1.43
C THR B 91 -4.73 -13.43 1.77
N LEU B 92 -5.80 -14.13 1.42
CA LEU B 92 -5.99 -15.52 1.83
C LEU B 92 -5.68 -16.42 0.65
N VAL B 93 -4.69 -17.30 0.81
CA VAL B 93 -4.25 -18.22 -0.24
C VAL B 93 -4.68 -19.62 0.16
N GLY B 94 -5.50 -20.25 -0.68
CA GLY B 94 -5.94 -21.61 -0.38
C GLY B 94 -5.49 -22.64 -1.40
N HIS B 95 -4.79 -23.68 -0.93
CA HIS B 95 -4.37 -24.78 -1.79
C HIS B 95 -5.45 -25.84 -1.81
N SER B 96 -6.11 -26.01 -2.96
CA SER B 96 -7.13 -27.07 -3.13
C SER B 96 -8.22 -27.05 -2.07
N MET B 97 -8.30 -28.06 -1.20
CA MET B 97 -9.21 -27.99 -0.06
C MET B 97 -9.09 -26.66 0.68
N GLY B 98 -7.86 -26.14 0.82
CA GLY B 98 -7.70 -24.84 1.46
C GLY B 98 -8.37 -23.74 0.69
N GLY B 99 -8.46 -23.88 -0.64
CA GLY B 99 -9.24 -22.94 -1.43
C GLY B 99 -10.73 -22.99 -1.15
N TYR B 100 -11.28 -24.17 -0.84
CA TYR B 100 -12.68 -24.25 -0.48
C TYR B 100 -12.95 -23.49 0.81
N VAL B 101 -12.03 -23.59 1.77
CA VAL B 101 -12.10 -22.78 2.98
C VAL B 101 -12.03 -21.30 2.63
N ALA B 102 -11.09 -20.95 1.74
CA ALA B 102 -10.93 -19.55 1.34
C ALA B 102 -12.21 -19.00 0.69
N LEU B 103 -12.90 -19.81 -0.11
CA LEU B 103 -14.15 -19.35 -0.72
C LEU B 103 -15.23 -19.10 0.32
N ALA B 104 -15.36 -20.00 1.31
CA ALA B 104 -16.31 -19.77 2.40
C ALA B 104 -15.94 -18.51 3.19
N PHE B 105 -14.64 -18.26 3.35
CA PHE B 105 -14.19 -17.04 4.01
C PHE B 105 -14.56 -15.81 3.19
N CYS B 106 -14.40 -15.90 1.87
CA CYS B 106 -14.76 -14.79 1.00
C CYS B 106 -16.26 -14.52 1.04
N GLU B 107 -17.07 -15.56 1.22
CA GLU B 107 -18.51 -15.36 1.36
C GLU B 107 -18.87 -14.80 2.72
N ARG B 108 -18.30 -15.34 3.78
CA ARG B 108 -18.72 -15.01 5.14
C ARG B 108 -17.93 -13.87 5.77
N HIS B 109 -16.70 -13.60 5.31
CA HIS B 109 -15.89 -12.57 5.95
C HIS B 109 -15.14 -11.71 4.93
N PRO B 110 -15.80 -11.22 3.87
CA PRO B 110 -15.06 -10.45 2.86
C PRO B 110 -14.47 -9.17 3.40
N ASP B 111 -15.07 -8.61 4.46
CA ASP B 111 -14.50 -7.44 5.11
C ASP B 111 -13.11 -7.67 5.65
N MET B 112 -12.69 -8.93 5.79
CA MET B 112 -11.35 -9.23 6.29
C MET B 112 -10.36 -9.59 5.19
N LEU B 113 -10.73 -9.42 3.92
CA LEU B 113 -9.88 -9.83 2.81
C LEU B 113 -9.42 -8.64 1.98
N ASN B 114 -8.12 -8.58 1.70
CA ASN B 114 -7.60 -7.76 0.63
C ASN B 114 -7.64 -8.46 -0.72
N GLY B 115 -7.73 -9.78 -0.71
CA GLY B 115 -7.76 -10.56 -1.93
C GLY B 115 -7.84 -12.03 -1.55
N VAL B 116 -8.19 -12.84 -2.55
CA VAL B 116 -8.25 -14.28 -2.35
C VAL B 116 -7.55 -14.97 -3.51
N VAL B 117 -6.77 -16.00 -3.21
CA VAL B 117 -5.98 -16.74 -4.18
C VAL B 117 -6.40 -18.18 -4.11
N LEU B 118 -6.88 -18.72 -5.23
CA LEU B 118 -7.21 -20.13 -5.36
C LEU B 118 -6.02 -20.82 -6.03
N LEU B 119 -5.21 -21.53 -5.23
CA LEU B 119 -4.03 -22.23 -5.74
C LEU B 119 -4.43 -23.68 -5.99
N SER B 120 -4.65 -24.01 -7.26
CA SER B 120 -5.13 -25.33 -7.68
C SER B 120 -6.36 -25.73 -6.87
N SER B 121 -7.37 -24.87 -6.94
CA SER B 121 -8.64 -25.10 -6.29
C SER B 121 -9.73 -24.61 -7.25
N THR B 122 -10.94 -25.14 -7.11
CA THR B 122 -12.05 -24.71 -7.93
C THR B 122 -13.20 -24.23 -7.06
N PRO B 123 -14.09 -23.40 -7.61
CA PRO B 123 -15.31 -23.01 -6.87
C PRO B 123 -16.50 -23.93 -7.11
N ASN B 124 -16.32 -25.03 -7.83
CA ASN B 124 -17.42 -25.94 -8.09
C ASN B 124 -17.66 -26.82 -6.87
N ALA B 125 -18.90 -27.28 -6.73
CA ALA B 125 -19.16 -28.32 -5.76
C ALA B 125 -18.61 -29.66 -6.27
N ASP B 126 -18.58 -30.64 -5.36
CA ASP B 126 -18.23 -32.00 -5.76
C ASP B 126 -19.11 -32.46 -6.92
N THR B 127 -18.51 -33.12 -7.89
CA THR B 127 -19.28 -33.96 -8.79
C THR B 127 -19.76 -35.20 -8.04
N PRO B 128 -20.88 -35.79 -8.45
CA PRO B 128 -21.28 -37.05 -7.82
C PRO B 128 -20.19 -38.11 -7.87
N GLU B 129 -19.39 -38.11 -8.94
CA GLU B 129 -18.25 -39.02 -9.01
C GLU B 129 -17.26 -38.76 -7.89
N LYS B 130 -16.88 -37.50 -7.67
CA LYS B 130 -15.86 -37.21 -6.67
C LYS B 130 -16.36 -37.48 -5.26
N SER B 131 -17.63 -37.15 -4.99
CA SER B 131 -18.22 -37.48 -3.69
C SER B 131 -18.22 -38.98 -3.47
N GLU B 132 -18.39 -39.76 -4.54
CA GLU B 132 -18.32 -41.22 -4.42
C GLU B 132 -16.95 -41.65 -3.95
N ASN B 133 -15.89 -41.08 -4.53
CA ASN B 133 -14.55 -41.47 -4.11
C ASN B 133 -14.27 -41.01 -2.69
N ARG B 134 -14.80 -39.85 -2.30
CA ARG B 134 -14.62 -39.39 -0.93
C ARG B 134 -15.30 -40.34 0.06
N ARG B 135 -16.49 -40.85 -0.29
CA ARG B 135 -17.14 -41.85 0.55
C ARG B 135 -16.33 -43.13 0.61
N ARG B 136 -15.70 -43.52 -0.50
CA ARG B 136 -14.82 -44.68 -0.47
C ARG B 136 -13.63 -44.45 0.47
N GLU B 137 -13.09 -43.23 0.48
CA GLU B 137 -11.97 -42.93 1.36
C GLU B 137 -12.41 -42.91 2.82
N ILE B 138 -13.60 -42.37 3.10
CA ILE B 138 -14.12 -42.42 4.47
C ILE B 138 -14.16 -43.86 4.95
N ALA B 139 -14.71 -44.75 4.12
CA ALA B 139 -14.86 -46.14 4.51
C ALA B 139 -13.49 -46.80 4.70
N LEU B 140 -12.54 -46.50 3.83
CA LEU B 140 -11.18 -47.02 3.98
C LEU B 140 -10.59 -46.61 5.30
N VAL B 141 -10.66 -45.32 5.62
CA VAL B 141 -10.07 -44.81 6.85
C VAL B 141 -10.71 -45.50 8.06
N LYS B 142 -12.04 -45.60 8.07
CA LYS B 142 -12.72 -46.22 9.20
C LYS B 142 -12.32 -47.68 9.35
N ALA B 143 -12.01 -48.37 8.25
CA ALA B 143 -11.60 -49.76 8.28
C ALA B 143 -10.13 -49.96 8.60
N GLY B 144 -9.43 -48.89 9.01
CA GLY B 144 -8.01 -49.00 9.32
C GLY B 144 -7.08 -48.99 8.13
N LYS B 145 -7.55 -48.57 6.95
CA LYS B 145 -6.73 -48.64 5.76
C LYS B 145 -6.28 -47.26 5.28
N LYS B 146 -6.02 -46.35 6.23
CA LYS B 146 -5.48 -45.03 5.88
C LYS B 146 -4.17 -45.16 5.10
N ASP B 147 -3.38 -46.19 5.39
CA ASP B 147 -2.10 -46.32 4.71
C ASP B 147 -2.25 -46.40 3.19
N ALA B 148 -3.40 -46.90 2.72
CA ALA B 148 -3.64 -46.97 1.28
C ALA B 148 -3.68 -45.58 0.66
N LEU B 149 -4.22 -44.58 1.39
CA LEU B 149 -4.17 -43.21 0.92
C LEU B 149 -2.74 -42.71 0.82
N ALA B 150 -1.91 -43.06 1.81
CA ALA B 150 -0.54 -42.57 1.86
C ALA B 150 0.29 -43.06 0.69
N ARG B 151 -0.15 -44.14 0.02
CA ARG B 151 0.64 -44.71 -1.07
C ARG B 151 0.47 -43.93 -2.36
N VAL B 152 -0.72 -43.41 -2.64
CA VAL B 152 -1.02 -42.82 -3.94
C VAL B 152 -1.16 -41.30 -3.87
N ALA B 153 -1.74 -40.77 -2.78
CA ALA B 153 -2.01 -39.34 -2.73
C ALA B 153 -0.77 -38.47 -2.78
N PRO B 154 0.30 -38.73 -2.02
CA PRO B 154 1.45 -37.82 -2.06
C PRO B 154 2.06 -37.66 -3.45
N GLU B 155 2.20 -38.75 -4.21
CA GLU B 155 2.82 -38.69 -5.52
C GLU B 155 1.92 -38.02 -6.55
N ALA B 156 0.60 -38.19 -6.41
CA ALA B 156 -0.35 -37.85 -7.46
C ALA B 156 -0.48 -36.36 -7.69
N GLY B 157 -0.16 -35.53 -6.69
CA GLY B 157 -0.30 -34.08 -6.83
C GLY B 157 0.75 -33.43 -7.71
N PHE B 158 1.85 -34.12 -7.98
CA PHE B 158 2.93 -33.55 -8.78
C PHE B 158 2.81 -33.98 -10.23
N ALA B 159 3.25 -33.09 -11.12
CA ALA B 159 3.41 -33.47 -12.52
C ALA B 159 4.39 -34.63 -12.60
N GLU B 160 4.11 -35.59 -13.50
CA GLU B 160 4.88 -36.84 -13.48
C GLU B 160 6.37 -36.57 -13.69
N ASP B 161 6.72 -35.63 -14.55
CA ASP B 161 8.14 -35.37 -14.82
C ASP B 161 8.82 -34.58 -13.71
N ASN B 162 8.11 -34.21 -12.65
CA ASN B 162 8.71 -33.58 -11.49
C ASN B 162 8.96 -34.55 -10.35
N ARG B 163 8.62 -35.83 -10.51
CA ARG B 163 8.58 -36.70 -9.33
C ARG B 163 9.97 -37.03 -8.81
N THR B 164 10.98 -37.09 -9.68
CA THR B 164 12.35 -37.28 -9.19
C THR B 164 12.81 -36.09 -8.37
N ARG B 165 12.68 -34.88 -8.93
CA ARG B 165 13.09 -33.67 -8.22
C ARG B 165 12.27 -33.45 -6.95
N MET B 166 11.01 -33.90 -6.95
CA MET B 166 10.11 -33.73 -5.82
C MET B 166 10.09 -34.93 -4.89
N LYS B 167 11.09 -35.82 -4.99
CA LYS B 167 11.08 -37.06 -4.24
C LYS B 167 10.99 -36.80 -2.74
N ASP B 168 11.75 -35.82 -2.23
CA ASP B 168 11.76 -35.55 -0.80
C ASP B 168 10.42 -35.00 -0.32
N TYR B 169 9.80 -34.12 -1.11
CA TYR B 169 8.49 -33.60 -0.71
C TYR B 169 7.45 -34.71 -0.71
N ILE B 170 7.56 -35.66 -1.62
CA ILE B 170 6.63 -36.79 -1.66
C ILE B 170 6.78 -37.63 -0.40
N GLU B 171 8.01 -37.87 0.04
CA GLU B 171 8.20 -38.58 1.30
C GLU B 171 7.66 -37.78 2.48
N ASP B 172 7.87 -36.45 2.48
CA ASP B 172 7.29 -35.61 3.51
C ASP B 172 5.78 -35.80 3.60
N LEU B 173 5.12 -35.79 2.44
CA LEU B 173 3.67 -35.91 2.41
C LEU B 173 3.22 -37.31 2.78
N THR B 174 4.00 -38.33 2.42
CA THR B 174 3.69 -39.68 2.86
C THR B 174 3.72 -39.79 4.37
N GLU B 175 4.76 -39.23 4.99
CA GLU B 175 4.83 -39.22 6.44
C GLU B 175 3.68 -38.42 7.04
N GLN B 176 3.23 -37.36 6.36
CA GLN B 176 2.18 -36.51 6.91
C GLN B 176 0.90 -37.29 7.16
N VAL B 177 0.55 -38.21 6.25
CA VAL B 177 -0.70 -38.96 6.40
C VAL B 177 -0.67 -39.81 7.66
N ALA B 178 0.50 -40.37 7.98
CA ALA B 178 0.61 -41.24 9.15
C ALA B 178 0.35 -40.49 10.46
N VAL B 179 0.58 -39.18 10.48
CA VAL B 179 0.32 -38.40 11.68
C VAL B 179 -0.93 -37.54 11.54
N THR B 180 -1.73 -37.77 10.50
CA THR B 180 -3.03 -37.10 10.36
C THR B 180 -4.08 -37.94 11.07
N GLU B 181 -4.89 -37.29 11.91
CA GLU B 181 -5.90 -38.01 12.68
C GLU B 181 -6.95 -38.63 11.77
N ASP B 182 -7.21 -39.93 11.96
CA ASP B 182 -8.23 -40.61 11.18
C ASP B 182 -9.56 -39.88 11.20
N GLU B 183 -10.02 -39.49 12.40
CA GLU B 183 -11.31 -38.83 12.52
C GLU B 183 -11.29 -37.45 11.88
N GLY B 184 -10.11 -36.82 11.82
CA GLY B 184 -10.00 -35.55 11.13
C GLY B 184 -10.13 -35.69 9.63
N ILE B 185 -9.56 -36.76 9.07
CA ILE B 185 -9.74 -37.05 7.65
C ILE B 185 -11.22 -37.24 7.34
N VAL B 186 -11.92 -38.03 8.16
CA VAL B 186 -13.35 -38.24 7.92
C VAL B 186 -14.12 -36.92 8.01
N ALA B 187 -13.79 -36.09 9.00
CA ALA B 187 -14.52 -34.84 9.19
C ALA B 187 -14.33 -33.91 8.00
N LEU B 188 -13.11 -33.85 7.46
CA LEU B 188 -12.88 -32.96 6.33
C LEU B 188 -13.44 -33.54 5.03
N LEU B 189 -13.42 -34.86 4.88
CA LEU B 189 -14.05 -35.45 3.69
C LEU B 189 -15.54 -35.17 3.69
N ASN B 190 -16.18 -35.31 4.86
CA ASN B 190 -17.61 -34.99 4.94
C ASN B 190 -17.86 -33.52 4.68
N GLY B 191 -16.96 -32.64 5.15
CA GLY B 191 -17.11 -31.22 4.84
C GLY B 191 -16.96 -30.91 3.36
N MET B 192 -16.03 -31.58 2.68
CA MET B 192 -15.86 -31.29 1.26
C MET B 192 -17.02 -31.82 0.44
N ILE B 193 -17.61 -32.95 0.84
CA ILE B 193 -18.80 -33.45 0.16
C ILE B 193 -19.95 -32.44 0.26
N ALA B 194 -20.09 -31.79 1.41
CA ALA B 194 -21.20 -30.89 1.66
C ALA B 194 -21.01 -29.47 1.11
N ARG B 195 -19.81 -29.10 0.67
CA ARG B 195 -19.56 -27.70 0.35
C ARG B 195 -20.42 -27.24 -0.83
N LYS B 196 -20.61 -25.93 -0.91
CA LYS B 196 -21.50 -25.33 -1.88
C LYS B 196 -20.73 -24.87 -3.12
N ASP B 197 -21.46 -24.76 -4.23
CA ASP B 197 -20.95 -24.10 -5.42
C ASP B 197 -20.76 -22.62 -5.12
N GLN B 198 -19.55 -22.11 -5.35
CA GLN B 198 -19.18 -20.74 -4.99
C GLN B 198 -18.94 -19.87 -6.22
N ASN B 199 -19.41 -20.30 -7.39
CA ASN B 199 -19.15 -19.54 -8.61
C ASN B 199 -19.87 -18.20 -8.61
N GLU B 200 -21.17 -18.19 -8.29
CA GLU B 200 -21.92 -16.93 -8.25
C GLU B 200 -21.35 -16.00 -7.18
N MET B 201 -20.97 -16.54 -6.02
CA MET B 201 -20.35 -15.75 -4.98
C MET B 201 -19.14 -14.99 -5.52
N LEU B 202 -18.24 -15.70 -6.20
CA LEU B 202 -17.03 -15.05 -6.71
C LEU B 202 -17.38 -13.92 -7.68
N ARG B 203 -18.28 -14.19 -8.62
CA ARG B 203 -18.62 -13.16 -9.61
C ARG B 203 -19.20 -11.92 -8.92
N ALA B 204 -20.00 -12.13 -7.87
CA ALA B 204 -20.60 -11.01 -7.15
C ALA B 204 -19.63 -10.32 -6.20
N SER B 205 -18.54 -10.97 -5.83
CA SER B 205 -17.64 -10.45 -4.79
C SER B 205 -16.80 -9.29 -5.28
N LYS B 206 -16.65 -8.28 -4.44
CA LYS B 206 -15.72 -7.21 -4.74
C LYS B 206 -14.32 -7.50 -4.23
N VAL B 207 -14.11 -8.66 -3.61
CA VAL B 207 -12.75 -9.07 -3.23
C VAL B 207 -11.94 -9.41 -4.47
N PRO B 208 -10.76 -8.82 -4.65
CA PRO B 208 -9.90 -9.22 -5.78
C PRO B 208 -9.53 -10.71 -5.74
N GLN B 209 -9.47 -11.31 -6.93
CA GLN B 209 -9.32 -12.75 -7.06
C GLN B 209 -8.17 -13.13 -7.97
N LEU B 210 -7.42 -14.17 -7.58
CA LEU B 210 -6.34 -14.73 -8.38
C LEU B 210 -6.46 -16.26 -8.41
N PHE B 211 -6.45 -16.83 -9.62
CA PHE B 211 -6.30 -18.27 -9.81
C PHE B 211 -4.85 -18.57 -10.14
N ILE B 212 -4.25 -19.54 -9.45
CA ILE B 212 -2.95 -20.09 -9.82
C ILE B 212 -3.16 -21.57 -10.14
N LEU B 213 -2.90 -21.95 -11.39
CA LEU B 213 -3.27 -23.26 -11.90
C LEU B 213 -2.13 -23.89 -12.67
N GLY B 214 -1.88 -25.18 -12.44
CA GLY B 214 -0.86 -25.88 -13.18
C GLY B 214 -1.37 -26.37 -14.53
N ARG B 215 -0.45 -26.50 -15.48
CA ARG B 215 -0.79 -27.01 -16.81
C ARG B 215 -0.62 -28.52 -16.93
N LYS B 216 -0.06 -29.17 -15.92
CA LYS B 216 0.16 -30.62 -15.91
C LYS B 216 -0.47 -31.26 -14.68
N ASP B 217 -1.67 -30.79 -14.32
CA ASP B 217 -2.34 -31.20 -13.08
C ASP B 217 -3.38 -32.27 -13.43
N ASN B 218 -3.12 -33.51 -13.00
CA ASN B 218 -4.07 -34.59 -13.23
C ASN B 218 -5.39 -34.36 -12.51
N TYR B 219 -5.38 -33.59 -11.41
CA TYR B 219 -6.61 -33.30 -10.68
C TYR B 219 -7.46 -32.24 -11.37
N ILE B 220 -6.83 -31.28 -12.05
CA ILE B 220 -7.51 -30.18 -12.73
C ILE B 220 -6.87 -30.05 -14.11
N PRO B 221 -7.26 -30.91 -15.06
CA PRO B 221 -6.64 -30.86 -16.39
C PRO B 221 -6.94 -29.55 -17.09
N VAL B 222 -6.13 -29.28 -18.14
CA VAL B 222 -6.17 -27.99 -18.81
C VAL B 222 -7.59 -27.65 -19.26
N GLU B 223 -8.31 -28.64 -19.81
CA GLU B 223 -9.65 -28.35 -20.31
C GLU B 223 -10.59 -27.92 -19.19
N ALA B 224 -10.52 -28.58 -18.03
CA ALA B 224 -11.35 -28.17 -16.90
C ALA B 224 -10.89 -26.83 -16.33
N ALA B 225 -9.57 -26.61 -16.28
CA ALA B 225 -9.06 -25.35 -15.75
C ALA B 225 -9.45 -24.18 -16.64
N GLU B 226 -9.38 -24.35 -17.96
CA GLU B 226 -9.75 -23.24 -18.83
C GLU B 226 -11.25 -22.96 -18.77
N LYS B 227 -12.07 -24.02 -18.66
CA LYS B 227 -13.50 -23.81 -18.49
C LYS B 227 -13.79 -22.99 -17.25
N MET B 228 -13.09 -23.30 -16.16
CA MET B 228 -13.33 -22.61 -14.90
C MET B 228 -13.03 -21.13 -14.98
N VAL B 229 -11.85 -20.77 -15.51
CA VAL B 229 -11.50 -19.37 -15.55
C VAL B 229 -12.32 -18.61 -16.57
N LYS B 230 -12.87 -19.32 -17.58
CA LYS B 230 -13.73 -18.68 -18.57
C LYS B 230 -14.96 -18.05 -17.94
N GLU B 231 -15.42 -18.59 -16.82
CA GLU B 231 -16.60 -18.10 -16.13
C GLU B 231 -16.31 -17.02 -15.11
N HIS B 232 -15.03 -16.64 -14.94
CA HIS B 232 -14.61 -15.67 -13.93
C HIS B 232 -13.72 -14.61 -14.59
N LEU B 233 -14.34 -13.80 -15.44
CA LEU B 233 -13.64 -12.72 -16.11
C LEU B 233 -13.01 -11.74 -15.13
N GLN B 234 -13.58 -11.63 -13.93
CA GLN B 234 -13.10 -10.67 -12.95
C GLN B 234 -11.78 -11.11 -12.30
N ALA B 235 -11.43 -12.37 -12.40
CA ALA B 235 -10.27 -12.90 -11.69
C ALA B 235 -9.04 -12.94 -12.59
N ARG B 236 -7.88 -12.66 -12.00
CA ARG B 236 -6.61 -12.85 -12.67
C ARG B 236 -6.25 -14.34 -12.64
N VAL B 237 -5.55 -14.79 -13.69
CA VAL B 237 -5.09 -16.16 -13.80
C VAL B 237 -3.59 -16.18 -14.03
N VAL B 238 -2.86 -16.98 -13.24
CA VAL B 238 -1.47 -17.29 -13.53
C VAL B 238 -1.36 -18.78 -13.80
N TRP B 239 -0.80 -19.12 -14.95
CA TRP B 239 -0.60 -20.50 -15.35
C TRP B 239 0.81 -20.95 -15.00
N LEU B 240 0.92 -22.12 -14.38
CA LEU B 240 2.21 -22.70 -14.04
C LEU B 240 2.52 -23.79 -15.06
N GLU B 241 3.29 -23.45 -16.09
CA GLU B 241 3.80 -24.49 -16.96
C GLU B 241 4.89 -25.23 -16.21
N ASN B 242 4.79 -26.55 -16.15
CA ASN B 242 5.70 -27.46 -15.46
C ASN B 242 5.25 -27.71 -14.02
N SER B 243 3.99 -27.42 -13.73
CA SER B 243 3.44 -27.73 -12.41
C SER B 243 2.17 -28.55 -12.59
N GLY B 244 1.93 -29.42 -11.61
CA GLY B 244 0.65 -30.10 -11.48
C GLY B 244 -0.19 -29.41 -10.44
N HIS B 245 -0.53 -30.12 -9.38
CA HIS B 245 -1.33 -29.62 -8.26
C HIS B 245 -0.47 -28.94 -7.19
N MET B 246 0.85 -29.02 -7.28
CA MET B 246 1.73 -28.60 -6.19
C MET B 246 2.65 -27.45 -6.60
N GLY B 247 2.08 -26.43 -7.22
CA GLY B 247 2.90 -25.41 -7.87
C GLY B 247 3.81 -24.65 -6.93
N PHE B 248 3.40 -24.47 -5.68
CA PHE B 248 4.25 -23.75 -4.74
C PHE B 248 5.47 -24.56 -4.33
N LEU B 249 5.50 -25.86 -4.58
CA LEU B 249 6.71 -26.68 -4.46
C LEU B 249 7.42 -26.89 -5.78
N GLU B 250 6.65 -27.05 -6.86
CA GLU B 250 7.20 -27.35 -8.17
C GLU B 250 7.80 -26.13 -8.84
N GLU B 251 7.20 -24.97 -8.63
CA GLU B 251 7.69 -23.71 -9.20
C GLU B 251 7.57 -22.63 -8.13
N PRO B 252 8.37 -22.72 -7.06
CA PRO B 252 8.16 -21.78 -5.94
C PRO B 252 8.40 -20.34 -6.30
N GLU B 253 9.44 -20.04 -7.10
CA GLU B 253 9.74 -18.64 -7.40
C GLU B 253 8.61 -17.99 -8.19
N THR B 254 8.13 -18.69 -9.23
CA THR B 254 7.05 -18.17 -10.06
C THR B 254 5.76 -18.03 -9.26
N THR B 255 5.44 -19.02 -8.42
CA THR B 255 4.24 -18.93 -7.60
C THR B 255 4.33 -17.77 -6.61
N ALA B 256 5.49 -17.63 -5.95
CA ALA B 256 5.67 -16.55 -4.99
C ALA B 256 5.59 -15.19 -5.66
N ARG B 257 6.20 -15.04 -6.84
CA ARG B 257 6.09 -13.79 -7.58
C ARG B 257 4.64 -13.48 -7.92
N ALA B 258 3.84 -14.50 -8.27
CA ALA B 258 2.45 -14.26 -8.59
C ALA B 258 1.70 -13.74 -7.37
N ILE B 259 1.96 -14.30 -6.19
CA ILE B 259 1.29 -13.84 -4.98
C ILE B 259 1.79 -12.46 -4.60
N LEU B 260 3.10 -12.23 -4.66
CA LEU B 260 3.63 -10.92 -4.28
C LEU B 260 3.06 -9.82 -5.16
N ASP B 261 3.04 -10.02 -6.48
CA ASP B 261 2.47 -9.04 -7.40
C ASP B 261 1.01 -8.77 -7.06
N PHE B 262 0.26 -9.82 -6.77
CA PHE B 262 -1.18 -9.68 -6.49
C PHE B 262 -1.41 -8.88 -5.21
N VAL B 263 -0.65 -9.19 -4.15
CA VAL B 263 -0.81 -8.49 -2.88
C VAL B 263 -0.48 -7.01 -3.04
N ASN B 264 0.63 -6.72 -3.72
CA ASN B 264 1.08 -5.34 -3.87
C ASN B 264 0.34 -4.57 -4.96
N GLY B 265 -0.79 -5.11 -5.44
CA GLY B 265 -1.57 -4.48 -6.48
C GLY B 265 -1.24 -4.99 -7.87
N MET C 1 6.35 23.35 29.32
CA MET C 1 7.44 22.59 28.73
C MET C 1 7.38 22.61 27.20
N ILE C 2 8.49 22.94 26.56
CA ILE C 2 8.60 22.98 25.10
C ILE C 2 9.40 21.75 24.66
N GLU C 3 8.79 20.92 23.83
CA GLU C 3 9.47 19.73 23.32
C GLU C 3 10.46 20.14 22.23
N LYS C 4 11.68 19.61 22.30
CA LYS C 4 12.71 19.92 21.33
C LYS C 4 13.42 18.65 20.89
N PHE C 5 13.91 18.66 19.65
CA PHE C 5 14.87 17.68 19.16
C PHE C 5 16.15 18.42 18.84
N ILE C 6 17.23 18.09 19.53
CA ILE C 6 18.49 18.82 19.40
C ILE C 6 19.60 17.87 18.99
N MET C 7 20.71 18.46 18.57
CA MET C 7 21.94 17.72 18.28
C MET C 7 22.86 17.91 19.48
N ALA C 8 22.93 16.91 20.35
CA ALA C 8 23.83 16.92 21.50
C ALA C 8 25.17 16.36 21.03
N GLY C 9 26.06 17.26 20.61
CA GLY C 9 27.29 16.85 19.98
C GLY C 9 27.00 15.98 18.78
N PRO C 10 27.48 14.73 18.80
CA PRO C 10 27.22 13.81 17.70
C PRO C 10 25.91 13.05 17.78
N THR C 11 25.09 13.29 18.82
CA THR C 11 23.98 12.42 19.16
C THR C 11 22.67 13.20 19.16
N ALA C 12 21.71 12.79 18.33
CA ALA C 12 20.40 13.41 18.36
C ALA C 12 19.73 13.08 19.70
N LEU C 13 19.02 14.06 20.26
CA LEU C 13 18.45 13.88 21.59
C LEU C 13 17.08 14.56 21.68
N HIS C 14 16.15 13.86 22.33
CA HIS C 14 14.79 14.32 22.55
C HIS C 14 14.72 14.95 23.94
N VAL C 15 14.36 16.23 24.02
CA VAL C 15 14.36 16.93 25.30
C VAL C 15 13.06 17.70 25.45
N CYS C 16 12.80 18.14 26.69
CA CYS C 16 11.73 19.10 26.97
C CYS C 16 12.34 20.19 27.85
N ASP C 17 11.97 21.44 27.57
CA ASP C 17 12.65 22.59 28.16
C ASP C 17 11.64 23.67 28.50
N SER C 18 11.51 24.02 29.79
CA SER C 18 10.58 25.09 30.13
C SER C 18 11.16 26.48 29.83
N GLN C 19 12.46 26.57 29.52
CA GLN C 19 13.13 27.74 28.94
C GLN C 19 13.30 28.92 29.89
N LYS C 20 12.27 29.26 30.67
CA LYS C 20 12.29 30.46 31.50
C LYS C 20 12.90 30.19 32.87
N GLY C 21 13.81 31.06 33.30
CA GLY C 21 14.40 30.93 34.63
C GLY C 21 15.90 31.01 34.61
N ASP C 22 16.48 31.73 35.57
CA ASP C 22 17.93 31.89 35.61
C ASP C 22 18.63 30.62 36.12
N LYS C 23 17.99 29.87 36.99
CA LYS C 23 18.57 28.66 37.56
C LYS C 23 17.89 27.46 36.94
N CYS C 24 18.69 26.45 36.60
CA CYS C 24 18.22 25.32 35.80
C CYS C 24 18.37 24.02 36.57
N VAL C 25 17.30 23.21 36.56
CA VAL C 25 17.34 21.84 37.06
C VAL C 25 17.08 20.91 35.87
N VAL C 26 17.87 19.83 35.80
CA VAL C 26 17.77 18.83 34.74
C VAL C 26 17.37 17.53 35.40
N LEU C 27 16.32 16.88 34.89
CA LEU C 27 15.77 15.68 35.47
C LEU C 27 16.06 14.49 34.56
N LEU C 28 16.68 13.46 35.10
CA LEU C 28 17.05 12.25 34.36
C LEU C 28 16.22 11.09 34.89
N HIS C 29 15.35 10.54 34.04
CA HIS C 29 14.50 9.40 34.37
C HIS C 29 15.35 8.15 34.62
N GLY C 30 14.68 7.09 35.08
CA GLY C 30 15.31 5.83 35.39
C GLY C 30 14.98 4.73 34.41
N TYR C 31 15.27 3.50 34.82
CA TYR C 31 15.08 2.33 33.98
C TYR C 31 13.60 2.07 33.71
N LEU C 32 13.27 1.81 32.44
CA LEU C 32 11.91 1.61 31.94
C LEU C 32 11.03 2.82 32.17
N GLU C 33 11.64 4.00 32.27
CA GLU C 33 10.96 5.28 32.28
C GLU C 33 11.39 6.06 31.05
N SER C 34 10.76 7.22 30.86
CA SER C 34 11.22 8.19 29.87
C SER C 34 10.98 9.57 30.45
N MET C 35 11.19 10.61 29.63
CA MET C 35 10.88 11.97 30.08
C MET C 35 9.42 12.10 30.54
N LEU C 36 8.54 11.24 30.02
CA LEU C 36 7.12 11.33 30.38
C LEU C 36 6.87 11.09 31.86
N VAL C 37 7.77 10.38 32.56
CA VAL C 37 7.53 10.07 33.96
C VAL C 37 7.48 11.33 34.81
N TRP C 38 8.06 12.43 34.34
CA TRP C 38 8.14 13.69 35.07
C TRP C 38 6.99 14.64 34.79
N GLU C 39 6.02 14.24 33.95
CA GLU C 39 5.09 15.20 33.37
C GLU C 39 4.26 15.90 34.45
N ASP C 40 3.86 15.18 35.49
CA ASP C 40 3.05 15.78 36.54
C ASP C 40 3.89 16.40 37.64
N PHE C 41 5.19 16.18 37.61
CA PHE C 41 6.12 16.69 38.61
C PHE C 41 6.67 18.06 38.21
N VAL C 42 6.98 18.27 36.93
CA VAL C 42 7.62 19.52 36.50
C VAL C 42 6.82 20.78 36.86
N PRO C 43 5.48 20.79 36.92
CA PRO C 43 4.80 22.03 37.31
C PRO C 43 5.11 22.50 38.73
N PHE C 44 5.60 21.61 39.59
CA PHE C 44 6.03 22.00 40.92
C PHE C 44 7.36 22.73 40.89
N LEU C 45 8.04 22.77 39.74
CA LEU C 45 9.34 23.41 39.62
C LEU C 45 9.39 24.53 38.60
N TYR C 46 8.68 24.41 37.48
CA TYR C 46 9.03 25.30 36.38
C TYR C 46 8.52 26.73 36.56
N LYS C 47 7.78 27.04 37.63
CA LYS C 47 7.49 28.45 37.82
C LYS C 47 8.58 29.19 38.59
N GLU C 48 9.57 28.48 39.10
CA GLU C 48 10.72 29.10 39.76
C GLU C 48 12.05 28.78 39.10
N LEU C 49 12.13 27.67 38.37
CA LEU C 49 13.36 27.21 37.75
C LEU C 49 13.10 26.92 36.28
N ARG C 50 14.17 26.96 35.49
CA ARG C 50 14.15 26.42 34.15
C ARG C 50 14.31 24.91 34.25
N VAL C 51 13.32 24.16 33.77
CA VAL C 51 13.30 22.69 33.93
C VAL C 51 13.58 22.04 32.59
N VAL C 52 14.54 21.11 32.56
CA VAL C 52 14.89 20.35 31.37
C VAL C 52 14.72 18.88 31.68
N THR C 53 13.97 18.16 30.83
CA THR C 53 13.93 16.71 30.87
C THR C 53 14.42 16.18 29.54
N LEU C 54 14.69 14.87 29.49
CA LEU C 54 15.21 14.32 28.25
C LEU C 54 15.04 12.81 28.27
N ASP C 55 15.06 12.22 27.07
CA ASP C 55 15.02 10.77 26.90
C ASP C 55 16.46 10.27 26.78
N LEU C 56 16.92 9.52 27.77
CA LEU C 56 18.27 8.98 27.71
C LEU C 56 18.36 7.98 26.57
N PRO C 57 19.46 8.00 25.79
CA PRO C 57 19.65 6.99 24.75
C PRO C 57 19.33 5.57 25.20
N GLY C 58 18.42 4.91 24.46
CA GLY C 58 17.95 3.59 24.80
C GLY C 58 16.56 3.56 25.40
N HIS C 59 16.03 4.71 25.78
CA HIS C 59 14.67 4.82 26.31
C HIS C 59 13.92 5.94 25.59
N GLY C 60 12.59 5.94 25.75
CA GLY C 60 11.77 6.96 25.10
C GLY C 60 12.02 7.01 23.60
N ILE C 61 12.12 8.22 23.06
CA ILE C 61 12.50 8.46 21.67
C ILE C 61 13.97 8.84 21.70
N SER C 62 14.83 7.94 21.23
CA SER C 62 16.27 8.14 21.39
C SER C 62 17.02 7.21 20.47
N VAL C 63 18.33 7.45 20.38
CA VAL C 63 19.23 6.60 19.60
C VAL C 63 19.61 5.35 20.40
N VAL C 64 20.04 4.31 19.67
CA VAL C 64 20.67 3.12 20.23
C VAL C 64 21.95 2.91 19.44
N THR C 65 23.09 2.91 20.15
CA THR C 65 24.40 2.84 19.47
C THR C 65 24.95 1.44 19.31
N GLY C 66 24.48 0.47 20.09
CA GLY C 66 25.11 -0.84 20.11
C GLY C 66 24.61 -1.61 21.32
N GLU C 67 25.43 -2.59 21.76
CA GLU C 67 24.93 -3.48 22.80
C GLU C 67 25.05 -2.90 24.21
N GLU C 68 25.80 -1.81 24.39
CA GLU C 68 25.94 -1.19 25.71
C GLU C 68 25.89 0.33 25.58
N HIS C 69 25.11 0.97 26.45
CA HIS C 69 25.19 2.42 26.67
C HIS C 69 25.83 2.62 28.03
N SER C 70 27.12 2.97 28.05
CA SER C 70 27.78 3.17 29.33
C SER C 70 27.23 4.41 30.02
N MET C 71 27.33 4.43 31.36
CA MET C 71 26.91 5.62 32.09
C MET C 71 27.74 6.83 31.69
N GLU C 72 29.01 6.61 31.35
CA GLU C 72 29.86 7.70 30.88
C GLU C 72 29.37 8.27 29.55
N PHE C 73 28.98 7.40 28.62
CA PHE C 73 28.41 7.86 27.35
C PHE C 73 27.13 8.66 27.59
N LEU C 74 26.27 8.17 28.49
CA LEU C 74 25.04 8.89 28.80
C LEU C 74 25.34 10.25 29.43
N ALA C 75 26.30 10.30 30.37
CA ALA C 75 26.65 11.57 31.00
C ALA C 75 27.20 12.56 29.97
N ASP C 76 28.05 12.09 29.04
CA ASP C 76 28.60 12.96 28.01
C ASP C 76 27.50 13.47 27.09
N THR C 77 26.52 12.62 26.82
CA THR C 77 25.38 13.06 26.01
C THR C 77 24.63 14.19 26.72
N VAL C 78 24.41 14.04 28.02
CA VAL C 78 23.75 15.11 28.76
C VAL C 78 24.60 16.38 28.71
N ALA C 79 25.92 16.25 28.88
CA ALA C 79 26.78 17.44 28.84
C ALA C 79 26.69 18.15 27.51
N ASP C 80 26.72 17.38 26.41
CA ASP C 80 26.60 17.98 25.09
C ASP C 80 25.23 18.62 24.90
N ALA C 81 24.19 18.01 25.48
CA ALA C 81 22.85 18.59 25.39
C ALA C 81 22.81 19.96 26.04
N LEU C 82 23.39 20.06 27.24
CA LEU C 82 23.39 21.34 27.94
C LEU C 82 24.15 22.40 27.15
N ARG C 83 25.25 22.02 26.50
CA ARG C 83 25.96 22.96 25.64
C ARG C 83 25.08 23.43 24.48
N ALA C 84 24.35 22.49 23.86
CA ALA C 84 23.47 22.86 22.76
C ALA C 84 22.34 23.77 23.22
N LEU C 85 21.87 23.58 24.44
CA LEU C 85 20.80 24.42 24.95
C LEU C 85 21.33 25.72 25.55
N GLY C 86 22.64 25.89 25.64
CA GLY C 86 23.18 27.11 26.22
C GLY C 86 23.05 27.20 27.72
N ILE C 87 23.12 26.08 28.42
CA ILE C 87 23.00 26.03 29.88
C ILE C 87 24.36 25.69 30.49
N PRO C 88 25.08 26.67 31.05
CA PRO C 88 26.43 26.39 31.54
C PRO C 88 26.49 25.68 32.89
N ARG C 89 25.46 25.86 33.72
CA ARG C 89 25.42 25.30 35.06
C ARG C 89 24.02 24.81 35.36
N CYS C 90 23.91 23.61 35.97
CA CYS C 90 22.61 23.10 36.36
C CYS C 90 22.71 22.30 37.65
N THR C 91 21.56 22.08 38.26
CA THR C 91 21.42 21.06 39.28
C THR C 91 20.86 19.82 38.61
N LEU C 92 21.58 18.72 38.70
CA LEU C 92 21.26 17.50 37.95
C LEU C 92 20.62 16.50 38.90
N VAL C 93 19.38 16.10 38.59
CA VAL C 93 18.59 15.21 39.44
C VAL C 93 18.43 13.90 38.70
N GLY C 94 18.88 12.81 39.32
CA GLY C 94 18.78 11.50 38.71
C GLY C 94 17.95 10.52 39.50
N HIS C 95 16.93 9.98 38.86
CA HIS C 95 16.08 8.95 39.45
C HIS C 95 16.66 7.57 39.15
N SER C 96 17.13 6.88 40.20
CA SER C 96 17.59 5.49 40.08
C SER C 96 18.70 5.34 39.01
N MET C 97 18.41 4.67 37.89
CA MET C 97 19.37 4.61 36.80
C MET C 97 19.83 6.01 36.36
N GLY C 98 18.90 6.96 36.37
CA GLY C 98 19.27 8.34 36.09
C GLY C 98 20.29 8.88 37.08
N GLY C 99 20.23 8.41 38.33
CA GLY C 99 21.26 8.78 39.30
C GLY C 99 22.63 8.23 38.94
N TYR C 100 22.68 7.03 38.34
CA TYR C 100 23.98 6.50 37.91
C TYR C 100 24.57 7.39 36.82
N VAL C 101 23.73 7.86 35.91
CA VAL C 101 24.18 8.82 34.91
C VAL C 101 24.67 10.09 35.57
N ALA C 102 23.92 10.57 36.57
CA ALA C 102 24.30 11.81 37.24
C ALA C 102 25.62 11.68 37.98
N LEU C 103 25.91 10.50 38.53
CA LEU C 103 27.21 10.28 39.16
C LEU C 103 28.34 10.30 38.14
N ALA C 104 28.15 9.66 36.99
CA ALA C 104 29.16 9.78 35.94
C ALA C 104 29.33 11.22 35.48
N PHE C 105 28.22 11.97 35.44
CA PHE C 105 28.30 13.40 35.14
C PHE C 105 29.09 14.15 36.22
N CYS C 106 28.81 13.86 37.49
CA CYS C 106 29.59 14.46 38.57
C CYS C 106 31.08 14.21 38.40
N GLU C 107 31.45 13.00 37.96
CA GLU C 107 32.86 12.68 37.80
C GLU C 107 33.47 13.39 36.60
N ARG C 108 32.75 13.41 35.46
CA ARG C 108 33.32 13.83 34.20
C ARG C 108 33.08 15.30 33.87
N HIS C 109 31.99 15.88 34.37
CA HIS C 109 31.61 17.25 34.04
C HIS C 109 31.21 18.07 35.28
N PRO C 110 32.00 18.04 36.35
CA PRO C 110 31.59 18.77 37.56
C PRO C 110 31.53 20.27 37.37
N ASP C 111 32.29 20.82 36.44
CA ASP C 111 32.24 22.26 36.21
C ASP C 111 30.97 22.70 35.47
N MET C 112 30.08 21.78 35.12
CA MET C 112 28.75 22.14 34.63
C MET C 112 27.67 22.00 35.70
N LEU C 113 28.05 21.71 36.95
CA LEU C 113 27.09 21.44 38.01
C LEU C 113 27.09 22.53 39.07
N ASN C 114 25.89 22.84 39.55
CA ASN C 114 25.72 23.54 40.82
C ASN C 114 25.40 22.58 41.96
N GLY C 115 25.00 21.35 41.63
CA GLY C 115 24.67 20.36 42.62
C GLY C 115 24.20 19.10 41.92
N VAL C 116 24.19 17.99 42.68
CA VAL C 116 23.69 16.73 42.17
C VAL C 116 22.74 16.13 43.18
N VAL C 117 21.60 15.63 42.70
CA VAL C 117 20.57 15.00 43.52
C VAL C 117 20.41 13.56 43.09
N LEU C 118 20.60 12.64 44.04
CA LEU C 118 20.32 11.23 43.82
C LEU C 118 18.93 10.95 44.39
N LEU C 119 17.95 10.78 43.50
CA LEU C 119 16.57 10.51 43.90
C LEU C 119 16.37 9.01 43.80
N SER C 120 16.38 8.33 44.95
CA SER C 120 16.24 6.89 45.01
C SER C 120 17.26 6.21 44.10
N SER C 121 18.52 6.57 44.30
CA SER C 121 19.64 5.98 43.58
C SER C 121 20.75 5.77 44.60
N THR C 122 21.71 4.92 44.27
CA THR C 122 22.88 4.70 45.11
C THR C 122 24.13 4.84 44.27
N PRO C 123 25.28 5.04 44.91
CA PRO C 123 26.56 5.04 44.18
C PRO C 123 27.23 3.67 44.11
N ASN C 124 26.56 2.62 44.55
CA ASN C 124 27.15 1.29 44.55
C ASN C 124 27.09 0.68 43.16
N ALA C 125 28.02 -0.23 42.90
CA ALA C 125 27.93 -0.99 41.66
C ALA C 125 26.92 -2.11 41.81
N ASP C 126 26.64 -2.76 40.69
CA ASP C 126 25.81 -3.95 40.69
C ASP C 126 26.40 -5.01 41.60
N THR C 127 25.54 -5.64 42.40
CA THR C 127 25.90 -6.90 43.04
C THR C 127 25.88 -8.01 41.99
N PRO C 128 26.65 -9.08 42.21
CA PRO C 128 26.56 -10.23 41.30
C PRO C 128 25.14 -10.74 41.09
N GLU C 129 24.34 -10.79 42.16
CA GLU C 129 22.96 -11.26 42.04
C GLU C 129 22.13 -10.30 41.18
N LYS C 130 22.32 -9.00 41.35
CA LYS C 130 21.59 -8.04 40.52
C LYS C 130 21.96 -8.18 39.05
N SER C 131 23.25 -8.32 38.75
CA SER C 131 23.67 -8.46 37.36
C SER C 131 23.12 -9.74 36.74
N GLU C 132 23.02 -10.81 37.53
CA GLU C 132 22.42 -12.05 37.01
C GLU C 132 20.97 -11.83 36.67
N ASN C 133 20.25 -11.07 37.49
CA ASN C 133 18.86 -10.77 37.18
C ASN C 133 18.77 -9.85 35.97
N ARG C 134 19.69 -8.91 35.81
CA ARG C 134 19.68 -8.08 34.61
C ARG C 134 19.90 -8.93 33.37
N ARG C 135 20.79 -9.92 33.45
CA ARG C 135 20.98 -10.81 32.31
C ARG C 135 19.74 -11.64 32.02
N ARG C 136 18.99 -12.00 33.06
CA ARG C 136 17.69 -12.65 32.84
C ARG C 136 16.77 -11.74 32.03
N GLU C 137 16.75 -10.44 32.37
CA GLU C 137 15.89 -9.51 31.65
C GLU C 137 16.38 -9.32 30.22
N ILE C 138 17.71 -9.26 30.02
CA ILE C 138 18.23 -9.18 28.66
C ILE C 138 17.75 -10.38 27.84
N ALA C 139 17.77 -11.57 28.45
CA ALA C 139 17.35 -12.76 27.72
C ALA C 139 15.87 -12.70 27.37
N LEU C 140 15.03 -12.24 28.31
CA LEU C 140 13.60 -12.11 28.02
C LEU C 140 13.36 -11.13 26.87
N VAL C 141 14.10 -10.02 26.85
CA VAL C 141 13.89 -9.02 25.81
C VAL C 141 14.30 -9.60 24.45
N LYS C 142 15.44 -10.28 24.40
CA LYS C 142 15.93 -10.89 23.17
C LYS C 142 15.04 -12.04 22.70
N ALA C 143 14.28 -12.66 23.60
CA ALA C 143 13.34 -13.71 23.26
C ALA C 143 11.98 -13.17 22.81
N GLY C 144 11.79 -11.86 22.82
CA GLY C 144 10.51 -11.26 22.52
C GLY C 144 9.54 -11.14 23.67
N LYS C 145 10.01 -11.30 24.90
CA LYS C 145 9.15 -11.33 26.08
C LYS C 145 9.25 -10.05 26.90
N LYS C 146 9.49 -8.93 26.23
CA LYS C 146 9.50 -7.63 26.90
C LYS C 146 8.25 -7.41 27.72
N ASP C 147 7.11 -7.95 27.27
CA ASP C 147 5.85 -7.80 27.99
C ASP C 147 5.96 -8.26 29.44
N ALA C 148 6.83 -9.24 29.72
CA ALA C 148 7.03 -9.70 31.08
C ALA C 148 7.66 -8.64 31.96
N LEU C 149 8.47 -7.74 31.38
CA LEU C 149 9.02 -6.65 32.17
C LEU C 149 7.92 -5.71 32.66
N ALA C 150 6.86 -5.54 31.86
CA ALA C 150 5.74 -4.69 32.24
C ALA C 150 4.96 -5.31 33.39
N GLU C 155 4.72 -1.37 39.44
CA GLU C 155 4.05 -1.65 40.71
C GLU C 155 4.99 -1.67 41.93
N ALA C 156 6.09 -2.41 41.82
CA ALA C 156 6.96 -2.63 42.97
C ALA C 156 7.72 -1.38 43.39
N GLY C 157 7.84 -0.39 42.51
CA GLY C 157 8.51 0.85 42.84
C GLY C 157 7.72 1.76 43.77
N PHE C 158 6.46 1.45 44.06
CA PHE C 158 5.63 2.29 44.90
C PHE C 158 5.47 1.67 46.28
N ALA C 159 5.42 2.51 47.31
CA ALA C 159 5.06 2.01 48.63
C ALA C 159 3.71 1.32 48.56
N GLU C 160 3.55 0.26 49.36
CA GLU C 160 2.33 -0.55 49.28
C GLU C 160 1.09 0.28 49.63
N ASP C 161 1.21 1.20 50.58
CA ASP C 161 0.03 1.99 50.94
C ASP C 161 -0.27 3.12 49.95
N ASN C 162 0.46 3.16 48.81
CA ASN C 162 0.19 4.10 47.73
C ASN C 162 -0.25 3.41 46.44
N ARG C 163 -0.29 2.08 46.38
CA ARG C 163 -0.40 1.44 45.08
C ARG C 163 -1.77 1.68 44.43
N THR C 164 -2.84 1.72 45.23
CA THR C 164 -4.15 2.01 44.64
C THR C 164 -4.24 3.45 44.16
N ARG C 165 -3.71 4.40 44.95
CA ARG C 165 -3.72 5.80 44.53
C ARG C 165 -2.85 6.03 43.32
N MET C 166 -1.85 5.18 43.10
CA MET C 166 -0.90 5.33 42.01
C MET C 166 -1.27 4.51 40.79
N LYS C 167 -2.49 3.96 40.75
CA LYS C 167 -2.86 3.02 39.69
C LYS C 167 -2.67 3.62 38.31
N ASP C 168 -2.99 4.91 38.14
CA ASP C 168 -2.87 5.55 36.82
C ASP C 168 -1.41 5.64 36.41
N TYR C 169 -0.52 5.99 37.35
CA TYR C 169 0.90 6.05 37.02
C TYR C 169 1.44 4.66 36.72
N ILE C 170 0.95 3.65 37.44
CA ILE C 170 1.42 2.29 37.21
C ILE C 170 1.04 1.83 35.80
N GLU C 171 -0.14 2.23 35.32
CA GLU C 171 -0.51 1.86 33.95
C GLU C 171 0.27 2.67 32.92
N ASP C 172 0.50 3.96 33.20
CA ASP C 172 1.40 4.77 32.38
C ASP C 172 2.72 4.05 32.15
N LEU C 173 3.32 3.53 33.23
CA LEU C 173 4.64 2.91 33.11
C LEU C 173 4.57 1.58 32.38
N THR C 174 3.46 0.84 32.53
CA THR C 174 3.27 -0.35 31.71
C THR C 174 3.26 0.00 30.24
N GLU C 175 2.52 1.05 29.86
CA GLU C 175 2.50 1.48 28.47
C GLU C 175 3.86 1.96 27.99
N GLN C 176 4.64 2.57 28.89
CA GLN C 176 5.96 3.05 28.52
C GLN C 176 6.86 1.91 28.05
N VAL C 177 6.78 0.76 28.72
CA VAL C 177 7.60 -0.38 28.31
C VAL C 177 7.27 -0.81 26.90
N ALA C 178 5.98 -0.78 26.55
CA ALA C 178 5.55 -1.23 25.23
C ALA C 178 6.20 -0.45 24.10
N VAL C 179 6.51 0.83 24.32
CA VAL C 179 7.06 1.68 23.28
C VAL C 179 8.55 1.92 23.47
N THR C 180 9.17 1.27 24.45
CA THR C 180 10.62 1.35 24.63
C THR C 180 11.30 0.33 23.73
N GLU C 181 12.33 0.76 23.01
CA GLU C 181 12.98 -0.10 22.03
C GLU C 181 13.66 -1.26 22.72
N ASP C 182 13.42 -2.48 22.21
CA ASP C 182 14.05 -3.68 22.74
C ASP C 182 15.57 -3.51 22.86
N GLU C 183 16.21 -3.07 21.79
CA GLU C 183 17.66 -2.91 21.83
C GLU C 183 18.08 -1.81 22.78
N GLY C 184 17.23 -0.83 23.06
CA GLY C 184 17.59 0.19 24.02
C GLY C 184 17.61 -0.36 25.43
N ILE C 185 16.64 -1.22 25.75
CA ILE C 185 16.61 -1.88 27.05
C ILE C 185 17.87 -2.71 27.24
N VAL C 186 18.26 -3.47 26.22
CA VAL C 186 19.48 -4.27 26.31
C VAL C 186 20.69 -3.38 26.54
N ALA C 187 20.81 -2.29 25.80
CA ALA C 187 21.97 -1.43 25.91
C ALA C 187 22.08 -0.82 27.30
N LEU C 188 20.94 -0.40 27.86
CA LEU C 188 21.00 0.21 29.19
C LEU C 188 21.20 -0.82 30.29
N LEU C 189 20.62 -2.02 30.16
CA LEU C 189 20.93 -3.07 31.12
C LEU C 189 22.43 -3.39 31.14
N ASN C 190 23.06 -3.48 29.97
CA ASN C 190 24.50 -3.74 29.95
C ASN C 190 25.29 -2.57 30.53
N GLY C 191 24.84 -1.34 30.29
CA GLY C 191 25.49 -0.19 30.92
C GLY C 191 25.40 -0.24 32.44
N MET C 192 24.25 -0.64 32.98
CA MET C 192 24.13 -0.70 34.43
C MET C 192 24.97 -1.84 35.00
N ILE C 193 25.08 -2.96 34.29
CA ILE C 193 25.96 -4.03 34.75
C ILE C 193 27.40 -3.54 34.82
N ALA C 194 27.82 -2.71 33.84
CA ALA C 194 29.21 -2.27 33.72
C ALA C 194 29.60 -1.12 34.64
N ARG C 195 28.63 -0.45 35.27
CA ARG C 195 28.91 0.84 35.89
C ARG C 195 29.86 0.70 37.09
N LYS C 196 30.57 1.80 37.38
CA LYS C 196 31.57 1.82 38.46
C LYS C 196 30.92 2.11 39.80
N ASP C 197 31.61 1.69 40.86
CA ASP C 197 31.30 2.17 42.20
C ASP C 197 31.76 3.62 42.30
N GLN C 198 30.83 4.51 42.67
CA GLN C 198 31.08 5.95 42.66
C GLN C 198 31.16 6.55 44.07
N ASN C 199 31.33 5.71 45.11
CA ASN C 199 31.31 6.23 46.48
C ASN C 199 32.52 7.12 46.76
N GLU C 200 33.72 6.68 46.36
CA GLU C 200 34.91 7.51 46.56
C GLU C 200 34.82 8.79 45.74
N MET C 201 34.30 8.69 44.51
CA MET C 201 34.10 9.87 43.70
C MET C 201 33.28 10.91 44.46
N LEU C 202 32.14 10.49 45.02
CA LEU C 202 31.28 11.43 45.74
C LEU C 202 32.02 12.07 46.90
N ARG C 203 32.71 11.26 47.71
CA ARG C 203 33.41 11.80 48.85
C ARG C 203 34.48 12.79 48.43
N ALA C 204 35.09 12.59 47.27
CA ALA C 204 36.11 13.50 46.77
C ALA C 204 35.56 14.73 46.05
N SER C 205 34.27 14.76 45.74
CA SER C 205 33.73 15.80 44.87
C SER C 205 33.32 17.03 45.68
N LYS C 206 33.67 18.21 45.14
CA LYS C 206 33.23 19.46 45.71
C LYS C 206 31.85 19.87 45.21
N VAL C 207 31.21 19.07 44.36
CA VAL C 207 29.83 19.35 43.94
C VAL C 207 28.90 19.12 45.13
N PRO C 208 28.03 20.08 45.47
CA PRO C 208 27.06 19.83 46.55
C PRO C 208 26.16 18.64 46.22
N GLN C 209 25.83 17.87 47.25
CA GLN C 209 25.12 16.60 47.05
C GLN C 209 23.88 16.50 47.93
N LEU C 210 22.81 15.98 47.35
CA LEU C 210 21.56 15.72 48.06
C LEU C 210 21.07 14.31 47.72
N PHE C 211 20.73 13.54 48.75
CA PHE C 211 20.03 12.28 48.57
C PHE C 211 18.57 12.48 48.92
N ILE C 212 17.66 12.02 48.06
CA ILE C 212 16.24 11.96 48.38
C ILE C 212 15.85 10.49 48.35
N LEU C 213 15.45 9.96 49.50
CA LEU C 213 15.28 8.52 49.68
C LEU C 213 13.95 8.24 50.36
N GLY C 214 13.21 7.29 49.82
CA GLY C 214 11.97 6.87 50.46
C GLY C 214 12.23 5.96 51.65
N ARG C 215 11.29 6.00 52.60
CA ARG C 215 11.37 5.15 53.78
C ARG C 215 10.68 3.80 53.58
N LYS C 216 9.99 3.62 52.45
CA LYS C 216 9.21 2.41 52.19
C LYS C 216 9.59 1.85 50.81
N ASP C 217 10.87 1.95 50.47
CA ASP C 217 11.36 1.58 49.14
C ASP C 217 11.93 0.16 49.19
N ASN C 218 11.22 -0.77 48.56
CA ASN C 218 11.67 -2.16 48.53
C ASN C 218 13.01 -2.31 47.84
N TYR C 219 13.32 -1.44 46.86
CA TYR C 219 14.60 -1.53 46.16
C TYR C 219 15.74 -1.00 47.03
N ILE C 220 15.48 0.00 47.86
CA ILE C 220 16.49 0.56 48.75
C ILE C 220 15.90 0.59 50.16
N PRO C 221 15.93 -0.53 50.89
CA PRO C 221 15.34 -0.55 52.23
C PRO C 221 16.04 0.40 53.19
N VAL C 222 15.32 0.75 54.27
CA VAL C 222 15.81 1.74 55.24
C VAL C 222 17.21 1.38 55.72
N GLU C 223 17.44 0.10 56.02
CA GLU C 223 18.74 -0.32 56.54
C GLU C 223 19.85 0.02 55.56
N ALA C 224 19.66 -0.33 54.28
CA ALA C 224 20.68 -0.04 53.26
C ALA C 224 20.79 1.45 53.00
N ALA C 225 19.67 2.17 52.98
CA ALA C 225 19.73 3.61 52.74
C ALA C 225 20.48 4.33 53.85
N GLU C 226 20.27 3.90 55.09
CA GLU C 226 20.94 4.58 56.19
C GLU C 226 22.43 4.27 56.19
N LYS C 227 22.80 3.04 55.80
CA LYS C 227 24.22 2.74 55.65
C LYS C 227 24.86 3.64 54.59
N MET C 228 24.19 3.81 53.46
CA MET C 228 24.70 4.66 52.38
C MET C 228 24.85 6.10 52.85
N VAL C 229 23.82 6.63 53.52
CA VAL C 229 23.86 7.99 54.03
C VAL C 229 25.04 8.16 55.00
N LYS C 230 25.30 7.14 55.82
CA LYS C 230 26.34 7.24 56.85
C LYS C 230 27.75 7.29 56.26
N GLU C 231 27.93 6.80 55.03
CA GLU C 231 29.22 6.83 54.37
C GLU C 231 29.47 8.14 53.62
N HIS C 232 28.46 9.03 53.59
CA HIS C 232 28.54 10.27 52.82
C HIS C 232 28.17 11.45 53.71
N LEU C 233 29.08 11.74 54.66
CA LEU C 233 28.88 12.83 55.59
C LEU C 233 28.73 14.16 54.88
N GLN C 234 29.32 14.30 53.70
CA GLN C 234 29.32 15.57 52.98
C GLN C 234 27.98 15.84 52.30
N ALA C 235 27.14 14.83 52.15
CA ALA C 235 25.86 14.95 51.47
C ALA C 235 24.73 15.17 52.47
N ARG C 236 23.73 15.93 52.04
CA ARG C 236 22.50 16.09 52.78
C ARG C 236 21.51 15.00 52.38
N VAL C 237 20.58 14.69 53.27
CA VAL C 237 19.56 13.68 53.00
C VAL C 237 18.19 14.26 53.34
N VAL C 238 17.23 14.05 52.43
CA VAL C 238 15.82 14.26 52.71
C VAL C 238 15.13 12.91 52.62
N TRP C 239 14.44 12.52 53.69
CA TRP C 239 13.73 11.26 53.72
C TRP C 239 12.28 11.50 53.33
N LEU C 240 11.76 10.69 52.42
CA LEU C 240 10.34 10.73 52.06
C LEU C 240 9.61 9.70 52.89
N GLU C 241 8.81 10.17 53.85
CA GLU C 241 8.27 9.30 54.88
C GLU C 241 7.23 8.34 54.33
N ASN C 242 6.55 8.70 53.24
CA ASN C 242 5.54 7.82 52.66
C ASN C 242 5.77 7.65 51.17
N SER C 243 7.01 7.34 50.80
CA SER C 243 7.33 7.02 49.41
C SER C 243 8.18 5.76 49.37
N GLY C 244 8.04 5.01 48.25
CA GLY C 244 9.03 4.00 47.94
C GLY C 244 10.12 4.53 47.01
N HIS C 245 10.20 3.93 45.82
CA HIS C 245 11.17 4.32 44.79
C HIS C 245 10.68 5.48 43.93
N MET C 246 9.41 5.90 44.09
CA MET C 246 8.81 6.87 43.17
C MET C 246 8.33 8.14 43.87
N GLY C 247 9.19 8.74 44.70
CA GLY C 247 8.75 9.83 45.55
C GLY C 247 8.25 11.05 44.80
N PHE C 248 8.76 11.29 43.59
CA PHE C 248 8.29 12.45 42.85
C PHE C 248 6.87 12.27 42.34
N LEU C 249 6.35 11.05 42.36
CA LEU C 249 4.94 10.75 42.09
C LEU C 249 4.14 10.57 43.37
N GLU C 250 4.75 9.94 44.37
CA GLU C 250 4.06 9.59 45.60
C GLU C 250 3.90 10.78 46.53
N GLU C 251 4.94 11.60 46.63
CA GLU C 251 4.96 12.81 47.46
C GLU C 251 5.53 13.95 46.62
N PRO C 252 4.78 14.40 45.60
CA PRO C 252 5.38 15.36 44.66
C PRO C 252 5.74 16.70 45.27
N GLU C 253 4.84 17.31 46.05
CA GLU C 253 5.16 18.64 46.58
C GLU C 253 6.37 18.58 47.51
N THR C 254 6.44 17.55 48.36
CA THR C 254 7.55 17.45 49.29
C THR C 254 8.87 17.18 48.56
N THR C 255 8.82 16.34 47.52
CA THR C 255 10.02 16.08 46.74
C THR C 255 10.48 17.34 46.01
N ALA C 256 9.53 18.07 45.41
CA ALA C 256 9.87 19.31 44.74
C ALA C 256 10.42 20.34 45.71
N ARG C 257 9.85 20.41 46.91
CA ARG C 257 10.34 21.32 47.93
C ARG C 257 11.79 21.03 48.26
N ALA C 258 12.14 19.75 48.38
CA ALA C 258 13.52 19.36 48.68
C ALA C 258 14.47 19.85 47.59
N ILE C 259 14.05 19.75 46.33
CA ILE C 259 14.91 20.16 45.22
C ILE C 259 15.03 21.67 45.17
N LEU C 260 13.91 22.38 45.29
CA LEU C 260 13.94 23.84 45.24
C LEU C 260 14.80 24.41 46.35
N ASP C 261 14.67 23.89 47.57
CA ASP C 261 15.47 24.41 48.67
C ASP C 261 16.96 24.15 48.41
N PHE C 262 17.29 22.99 47.87
CA PHE C 262 18.67 22.65 47.56
C PHE C 262 19.24 23.57 46.48
N VAL C 263 18.46 23.82 45.42
CA VAL C 263 18.89 24.70 44.34
C VAL C 263 19.09 26.11 44.87
N ASN C 264 18.28 26.53 45.82
CA ASN C 264 18.44 27.86 46.41
C ASN C 264 19.48 27.90 47.52
N GLY C 265 20.23 26.81 47.72
CA GLY C 265 21.35 26.80 48.66
C GLY C 265 20.99 26.48 50.10
N MET D 1 -22.01 4.64 -12.59
CA MET D 1 -22.03 3.31 -13.19
C MET D 1 -21.48 2.27 -12.22
N ILE D 2 -22.22 1.18 -12.06
CA ILE D 2 -21.85 0.07 -11.17
C ILE D 2 -21.32 -1.06 -12.04
N GLU D 3 -20.10 -1.49 -11.76
CA GLU D 3 -19.49 -2.61 -12.49
C GLU D 3 -20.03 -3.93 -11.98
N LYS D 4 -20.37 -4.82 -12.90
CA LYS D 4 -20.90 -6.13 -12.54
C LYS D 4 -20.31 -7.18 -13.46
N PHE D 5 -20.14 -8.39 -12.93
CA PHE D 5 -19.79 -9.56 -13.71
C PHE D 5 -20.92 -10.56 -13.53
N ILE D 6 -21.64 -10.83 -14.62
CA ILE D 6 -22.87 -11.61 -14.54
C ILE D 6 -22.76 -12.83 -15.43
N MET D 7 -23.64 -13.79 -15.19
CA MET D 7 -23.83 -14.94 -16.07
C MET D 7 -25.00 -14.64 -16.98
N ALA D 8 -24.70 -14.33 -18.23
CA ALA D 8 -25.71 -14.15 -19.26
C ALA D 8 -25.95 -15.52 -19.87
N GLY D 9 -26.91 -16.26 -19.29
CA GLY D 9 -27.11 -17.63 -19.67
C GLY D 9 -25.84 -18.42 -19.44
N PRO D 10 -25.32 -19.03 -20.50
CA PRO D 10 -24.06 -19.79 -20.41
C PRO D 10 -22.79 -18.97 -20.56
N THR D 11 -22.88 -17.65 -20.64
CA THR D 11 -21.77 -16.78 -21.03
C THR D 11 -21.55 -15.75 -19.93
N ALA D 12 -20.37 -15.76 -19.31
CA ALA D 12 -20.06 -14.67 -18.39
C ALA D 12 -19.97 -13.37 -19.18
N LEU D 13 -20.40 -12.27 -18.55
CA LEU D 13 -20.42 -10.99 -19.24
C LEU D 13 -20.04 -9.84 -18.31
N HIS D 14 -19.19 -8.94 -18.83
CA HIS D 14 -18.76 -7.75 -18.12
C HIS D 14 -19.72 -6.60 -18.47
N VAL D 15 -20.38 -6.05 -17.45
CA VAL D 15 -21.35 -4.98 -17.67
C VAL D 15 -21.13 -3.85 -16.67
N CYS D 16 -21.63 -2.68 -17.04
CA CYS D 16 -21.76 -1.53 -16.14
C CYS D 16 -23.21 -1.10 -16.17
N ASP D 17 -23.75 -0.74 -15.01
CA ASP D 17 -25.18 -0.52 -14.85
C ASP D 17 -25.39 0.67 -13.93
N SER D 18 -26.01 1.74 -14.43
CA SER D 18 -26.32 2.90 -13.58
C SER D 18 -27.48 2.63 -12.62
N GLN D 19 -28.23 1.54 -12.83
CA GLN D 19 -29.22 0.97 -11.92
C GLN D 19 -30.50 1.80 -11.76
N LYS D 20 -30.41 3.12 -11.65
CA LYS D 20 -31.57 3.94 -11.33
C LYS D 20 -32.28 4.40 -12.61
N GLY D 21 -33.60 4.27 -12.62
CA GLY D 21 -34.40 4.70 -13.75
C GLY D 21 -35.37 3.63 -14.21
N ASP D 22 -36.59 4.04 -14.55
CA ASP D 22 -37.58 3.07 -15.03
C ASP D 22 -37.40 2.77 -16.51
N LYS D 23 -36.84 3.69 -17.28
CA LYS D 23 -36.58 3.49 -18.70
C LYS D 23 -35.09 3.19 -18.89
N CYS D 24 -34.78 2.17 -19.66
CA CYS D 24 -33.41 1.66 -19.73
C CYS D 24 -32.90 1.74 -21.16
N VAL D 25 -31.67 2.25 -21.31
CA VAL D 25 -30.95 2.27 -22.58
C VAL D 25 -29.72 1.39 -22.43
N VAL D 26 -29.47 0.56 -23.43
CA VAL D 26 -28.31 -0.34 -23.46
C VAL D 26 -27.42 0.11 -24.61
N LEU D 27 -26.14 0.35 -24.32
CA LEU D 27 -25.19 0.86 -25.31
C LEU D 27 -24.23 -0.24 -25.73
N LEU D 28 -24.17 -0.53 -27.03
CA LEU D 28 -23.28 -1.54 -27.59
C LEU D 28 -22.16 -0.88 -28.39
N HIS D 29 -20.91 -1.07 -27.93
CA HIS D 29 -19.74 -0.53 -28.61
C HIS D 29 -19.53 -1.20 -29.96
N GLY D 30 -18.62 -0.62 -30.76
CA GLY D 30 -18.28 -1.14 -32.07
C GLY D 30 -16.96 -1.88 -32.10
N TYR D 31 -16.47 -2.09 -33.32
CA TYR D 31 -15.23 -2.84 -33.53
C TYR D 31 -14.02 -2.07 -33.01
N LEU D 32 -13.14 -2.79 -32.29
CA LEU D 32 -11.95 -2.24 -31.63
C LEU D 32 -12.31 -1.18 -30.59
N GLU D 33 -13.51 -1.30 -30.02
CA GLU D 33 -13.97 -0.52 -28.89
C GLU D 33 -14.29 -1.46 -27.73
N SER D 34 -14.61 -0.89 -26.58
CA SER D 34 -15.17 -1.64 -25.47
C SER D 34 -16.18 -0.74 -24.77
N MET D 35 -16.71 -1.20 -23.64
CA MET D 35 -17.61 -0.36 -22.86
C MET D 35 -16.96 0.97 -22.48
N LEU D 36 -15.62 1.01 -22.45
CA LEU D 36 -14.91 2.23 -22.06
C LEU D 36 -15.15 3.37 -23.05
N VAL D 37 -15.58 3.07 -24.27
CA VAL D 37 -15.75 4.14 -25.23
C VAL D 37 -16.90 5.04 -24.83
N TRP D 38 -17.82 4.56 -23.99
CA TRP D 38 -19.00 5.30 -23.59
C TRP D 38 -18.80 6.14 -22.32
N GLU D 39 -17.60 6.12 -21.72
CA GLU D 39 -17.47 6.60 -20.35
C GLU D 39 -17.82 8.08 -20.20
N ASP D 40 -17.42 8.91 -21.17
CA ASP D 40 -17.77 10.33 -21.12
C ASP D 40 -19.17 10.62 -21.65
N PHE D 41 -19.81 9.64 -22.28
CA PHE D 41 -21.14 9.83 -22.86
C PHE D 41 -22.26 9.51 -21.87
N VAL D 42 -22.05 8.50 -21.02
CA VAL D 42 -23.12 8.06 -20.11
C VAL D 42 -23.61 9.16 -19.17
N PRO D 43 -22.80 10.15 -18.74
CA PRO D 43 -23.39 11.20 -17.87
C PRO D 43 -24.44 12.05 -18.55
N PHE D 44 -24.49 12.06 -19.89
CA PHE D 44 -25.54 12.77 -20.59
C PHE D 44 -26.87 12.03 -20.59
N LEU D 45 -26.88 10.78 -20.12
CA LEU D 45 -28.10 9.96 -20.11
C LEU D 45 -28.51 9.47 -18.72
N TYR D 46 -27.59 9.23 -17.80
CA TYR D 46 -27.98 8.39 -16.67
C TYR D 46 -28.72 9.13 -15.57
N LYS D 47 -28.88 10.45 -15.67
CA LYS D 47 -29.76 11.15 -14.74
C LYS D 47 -31.22 11.12 -15.18
N GLU D 48 -31.51 10.66 -16.39
CA GLU D 48 -32.86 10.46 -16.86
C GLU D 48 -33.19 9.01 -17.19
N LEU D 49 -32.19 8.19 -17.53
CA LEU D 49 -32.40 6.80 -17.93
C LEU D 49 -31.49 5.89 -17.12
N ARG D 50 -31.91 4.65 -16.95
CA ARG D 50 -30.99 3.61 -16.51
C ARG D 50 -30.11 3.22 -17.69
N VAL D 51 -28.78 3.32 -17.53
CA VAL D 51 -27.84 3.10 -18.61
C VAL D 51 -27.05 1.83 -18.35
N VAL D 52 -27.02 0.94 -19.34
CA VAL D 52 -26.28 -0.31 -19.25
C VAL D 52 -25.27 -0.34 -20.39
N THR D 53 -24.00 -0.57 -20.06
CA THR D 53 -22.98 -0.84 -21.05
C THR D 53 -22.41 -2.23 -20.80
N LEU D 54 -21.73 -2.78 -21.81
CA LEU D 54 -21.18 -4.12 -21.68
C LEU D 54 -20.06 -4.32 -22.69
N ASP D 55 -19.17 -5.27 -22.39
CA ASP D 55 -18.13 -5.69 -23.32
C ASP D 55 -18.67 -6.88 -24.13
N LEU D 56 -18.90 -6.67 -25.42
CA LEU D 56 -19.34 -7.76 -26.28
C LEU D 56 -18.27 -8.84 -26.33
N PRO D 57 -18.65 -10.13 -26.25
CA PRO D 57 -17.67 -11.22 -26.40
C PRO D 57 -16.68 -10.99 -27.54
N GLY D 58 -15.39 -11.05 -27.21
CA GLY D 58 -14.32 -10.79 -28.16
C GLY D 58 -13.66 -9.44 -28.00
N HIS D 59 -14.25 -8.54 -27.22
CA HIS D 59 -13.72 -7.21 -26.97
C HIS D 59 -13.71 -6.93 -25.48
N GLY D 60 -12.92 -5.94 -25.07
CA GLY D 60 -12.85 -5.60 -23.65
C GLY D 60 -12.49 -6.78 -22.78
N ILE D 61 -13.17 -6.90 -21.64
CA ILE D 61 -13.05 -8.06 -20.74
C ILE D 61 -14.21 -8.99 -21.05
N SER D 62 -13.95 -10.11 -21.71
CA SER D 62 -15.04 -10.90 -22.27
C SER D 62 -14.54 -12.29 -22.66
N VAL D 63 -15.51 -13.18 -22.91
CA VAL D 63 -15.20 -14.54 -23.35
C VAL D 63 -14.91 -14.54 -24.85
N VAL D 64 -14.16 -15.55 -25.28
CA VAL D 64 -14.02 -15.90 -26.69
C VAL D 64 -14.46 -17.35 -26.85
N THR D 65 -15.43 -17.59 -27.73
CA THR D 65 -16.05 -18.89 -27.92
C THR D 65 -15.92 -19.23 -29.40
N GLY D 66 -14.79 -19.83 -29.76
CA GLY D 66 -14.59 -20.28 -31.11
C GLY D 66 -13.95 -19.24 -32.02
N GLU D 67 -13.90 -19.61 -33.30
CA GLU D 67 -13.28 -18.81 -34.34
C GLU D 67 -14.21 -17.70 -34.86
N GLU D 68 -15.49 -17.76 -34.54
CA GLU D 68 -16.45 -16.77 -35.01
C GLU D 68 -17.44 -16.44 -33.91
N HIS D 69 -17.70 -15.14 -33.74
CA HIS D 69 -18.78 -14.66 -32.88
C HIS D 69 -19.86 -14.13 -33.82
N SER D 70 -20.89 -14.93 -34.07
CA SER D 70 -21.95 -14.47 -34.97
C SER D 70 -22.75 -13.36 -34.30
N MET D 71 -23.35 -12.50 -35.15
CA MET D 71 -24.18 -11.42 -34.62
C MET D 71 -25.36 -11.97 -33.83
N GLU D 72 -25.88 -13.14 -34.23
CA GLU D 72 -26.96 -13.79 -33.49
C GLU D 72 -26.49 -14.25 -32.11
N PHE D 73 -25.26 -14.78 -32.04
CA PHE D 73 -24.70 -15.18 -30.75
C PHE D 73 -24.56 -13.97 -29.83
N LEU D 74 -24.04 -12.86 -30.37
CA LEU D 74 -23.87 -11.66 -29.59
C LEU D 74 -25.23 -11.11 -29.14
N ALA D 75 -26.21 -11.11 -30.05
CA ALA D 75 -27.54 -10.63 -29.68
C ALA D 75 -28.16 -11.50 -28.59
N ASP D 76 -28.02 -12.83 -28.73
CA ASP D 76 -28.56 -13.73 -27.72
C ASP D 76 -27.90 -13.50 -26.36
N THR D 77 -26.59 -13.19 -26.38
CA THR D 77 -25.88 -12.90 -25.14
C THR D 77 -26.44 -11.66 -24.47
N VAL D 78 -26.71 -10.61 -25.24
CA VAL D 78 -27.30 -9.40 -24.68
C VAL D 78 -28.68 -9.69 -24.12
N ALA D 79 -29.48 -10.49 -24.83
CA ALA D 79 -30.81 -10.82 -24.33
C ALA D 79 -30.72 -11.51 -22.98
N ASP D 80 -29.80 -12.46 -22.86
CA ASP D 80 -29.64 -13.20 -21.61
C ASP D 80 -29.15 -12.30 -20.49
N ALA D 81 -28.29 -11.33 -20.83
CA ALA D 81 -27.84 -10.35 -19.85
C ALA D 81 -29.00 -9.55 -19.31
N LEU D 82 -29.89 -9.09 -20.20
CA LEU D 82 -31.04 -8.33 -19.76
C LEU D 82 -31.94 -9.15 -18.83
N ARG D 83 -32.10 -10.43 -19.13
CA ARG D 83 -32.90 -11.29 -18.25
C ARG D 83 -32.26 -11.41 -16.87
N ALA D 84 -30.94 -11.60 -16.83
CA ALA D 84 -30.24 -11.72 -15.56
C ALA D 84 -30.26 -10.42 -14.77
N LEU D 85 -30.29 -9.27 -15.46
CA LEU D 85 -30.41 -7.98 -14.80
C LEU D 85 -31.85 -7.63 -14.44
N GLY D 86 -32.82 -8.41 -14.91
CA GLY D 86 -34.21 -8.10 -14.64
C GLY D 86 -34.78 -6.95 -15.44
N ILE D 87 -34.31 -6.74 -16.66
CA ILE D 87 -34.76 -5.62 -17.49
C ILE D 87 -35.61 -6.19 -18.62
N PRO D 88 -36.94 -6.09 -18.55
CA PRO D 88 -37.77 -6.75 -19.58
C PRO D 88 -37.71 -6.06 -20.93
N ARG D 89 -37.48 -4.75 -20.97
CA ARG D 89 -37.49 -3.99 -22.21
C ARG D 89 -36.51 -2.85 -22.13
N CYS D 90 -35.83 -2.57 -23.25
CA CYS D 90 -34.84 -1.52 -23.29
C CYS D 90 -34.87 -0.87 -24.68
N THR D 91 -34.23 0.28 -24.77
CA THR D 91 -33.86 0.88 -26.05
C THR D 91 -32.41 0.51 -26.32
N LEU D 92 -32.17 -0.23 -27.40
CA LEU D 92 -30.85 -0.79 -27.69
C LEU D 92 -30.14 0.10 -28.71
N VAL D 93 -28.98 0.63 -28.32
CA VAL D 93 -28.21 1.57 -29.14
C VAL D 93 -26.94 0.86 -29.59
N GLY D 94 -26.78 0.74 -30.90
CA GLY D 94 -25.61 0.05 -31.43
C GLY D 94 -24.69 0.96 -32.21
N HIS D 95 -23.43 1.09 -31.78
CA HIS D 95 -22.45 1.86 -32.54
C HIS D 95 -21.76 0.96 -33.56
N SER D 96 -21.99 1.24 -34.85
CA SER D 96 -21.31 0.53 -35.94
C SER D 96 -21.45 -0.99 -35.83
N MET D 97 -20.37 -1.72 -35.48
CA MET D 97 -20.52 -3.17 -35.27
C MET D 97 -21.59 -3.47 -34.22
N GLY D 98 -21.66 -2.64 -33.17
CA GLY D 98 -22.71 -2.79 -32.18
C GLY D 98 -24.10 -2.67 -32.78
N GLY D 99 -24.22 -1.86 -33.84
CA GLY D 99 -25.48 -1.81 -34.58
C GLY D 99 -25.81 -3.12 -35.28
N TYR D 100 -24.81 -3.83 -35.79
CA TYR D 100 -25.09 -5.15 -36.36
C TYR D 100 -25.67 -6.09 -35.32
N VAL D 101 -25.14 -6.06 -34.10
CA VAL D 101 -25.69 -6.87 -33.01
C VAL D 101 -27.12 -6.42 -32.71
N ALA D 102 -27.32 -5.11 -32.63
CA ALA D 102 -28.67 -4.58 -32.37
C ALA D 102 -29.67 -5.03 -33.43
N LEU D 103 -29.25 -5.17 -34.68
CA LEU D 103 -30.18 -5.61 -35.71
C LEU D 103 -30.55 -7.08 -35.53
N ALA D 104 -29.56 -7.92 -35.18
CA ALA D 104 -29.88 -9.31 -34.89
C ALA D 104 -30.77 -9.42 -33.66
N PHE D 105 -30.57 -8.54 -32.68
CA PHE D 105 -31.46 -8.49 -31.52
C PHE D 105 -32.87 -8.08 -31.93
N CYS D 106 -32.97 -7.11 -32.83
CA CYS D 106 -34.28 -6.68 -33.29
C CYS D 106 -35.02 -7.82 -34.01
N GLU D 107 -34.28 -8.69 -34.68
CA GLU D 107 -34.87 -9.82 -35.38
C GLU D 107 -35.24 -10.95 -34.41
N ARG D 108 -34.37 -11.23 -33.45
CA ARG D 108 -34.51 -12.41 -32.61
C ARG D 108 -35.23 -12.15 -31.29
N HIS D 109 -35.15 -10.92 -30.76
CA HIS D 109 -35.74 -10.59 -29.46
C HIS D 109 -36.51 -9.27 -29.49
N PRO D 110 -37.40 -9.06 -30.47
CA PRO D 110 -38.10 -7.78 -30.53
C PRO D 110 -39.01 -7.54 -29.33
N ASP D 111 -39.49 -8.60 -28.68
CA ASP D 111 -40.29 -8.48 -27.48
C ASP D 111 -39.54 -7.82 -26.32
N MET D 112 -38.22 -7.70 -26.41
CA MET D 112 -37.43 -7.07 -25.36
C MET D 112 -37.04 -5.64 -25.71
N LEU D 113 -37.61 -5.08 -26.78
CA LEU D 113 -37.19 -3.78 -27.26
C LEU D 113 -38.32 -2.77 -27.15
N ASN D 114 -38.00 -1.58 -26.65
CA ASN D 114 -38.86 -0.42 -26.87
C ASN D 114 -38.45 0.37 -28.11
N GLY D 115 -37.28 0.08 -28.66
CA GLY D 115 -36.78 0.79 -29.82
C GLY D 115 -35.35 0.40 -30.06
N VAL D 116 -34.87 0.74 -31.26
CA VAL D 116 -33.50 0.39 -31.64
C VAL D 116 -32.87 1.60 -32.32
N VAL D 117 -31.62 1.89 -31.96
CA VAL D 117 -30.88 3.02 -32.48
C VAL D 117 -29.65 2.50 -33.19
N LEU D 118 -29.51 2.83 -34.47
CA LEU D 118 -28.31 2.52 -35.24
C LEU D 118 -27.48 3.78 -35.24
N LEU D 119 -26.41 3.80 -34.45
CA LEU D 119 -25.51 4.96 -34.34
C LEU D 119 -24.32 4.71 -35.26
N SER D 120 -24.33 5.34 -36.43
CA SER D 120 -23.30 5.15 -37.46
C SER D 120 -23.09 3.66 -37.74
N SER D 121 -24.21 3.02 -38.13
CA SER D 121 -24.22 1.62 -38.54
C SER D 121 -25.13 1.53 -39.76
N THR D 122 -25.13 0.38 -40.40
CA THR D 122 -25.98 0.13 -41.56
C THR D 122 -26.56 -1.27 -41.43
N PRO D 123 -27.68 -1.54 -42.11
CA PRO D 123 -28.21 -2.90 -42.17
C PRO D 123 -27.69 -3.73 -43.33
N ASN D 124 -26.72 -3.22 -44.08
CA ASN D 124 -26.17 -3.96 -45.22
C ASN D 124 -25.17 -5.01 -44.76
N ALA D 125 -25.05 -6.06 -45.57
CA ALA D 125 -23.99 -7.03 -45.38
C ALA D 125 -22.66 -6.48 -45.89
N ASP D 126 -21.59 -7.22 -45.59
CA ASP D 126 -20.27 -6.90 -46.13
C ASP D 126 -20.31 -6.88 -47.66
N THR D 127 -19.59 -5.92 -48.25
CA THR D 127 -19.23 -6.05 -49.65
C THR D 127 -18.12 -7.09 -49.76
N PRO D 128 -17.96 -7.72 -50.92
CA PRO D 128 -16.80 -8.63 -51.09
C PRO D 128 -15.46 -7.96 -50.81
N GLU D 129 -15.29 -6.71 -51.25
CA GLU D 129 -14.05 -6.00 -50.95
C GLU D 129 -13.87 -5.79 -49.45
N LYS D 130 -14.95 -5.48 -48.73
CA LYS D 130 -14.83 -5.31 -47.29
C LYS D 130 -14.38 -6.60 -46.63
N SER D 131 -14.98 -7.74 -47.02
CA SER D 131 -14.61 -9.01 -46.39
C SER D 131 -13.19 -9.40 -46.73
N GLU D 132 -12.73 -9.12 -47.95
CA GLU D 132 -11.34 -9.37 -48.28
C GLU D 132 -10.41 -8.57 -47.37
N ASN D 133 -10.78 -7.33 -47.07
CA ASN D 133 -9.97 -6.51 -46.16
C ASN D 133 -10.02 -7.05 -44.74
N ARG D 134 -11.19 -7.51 -44.29
CA ARG D 134 -11.26 -8.12 -42.96
C ARG D 134 -10.37 -9.34 -42.87
N ARG D 135 -10.22 -10.08 -43.97
CA ARG D 135 -9.34 -11.25 -43.95
C ARG D 135 -7.88 -10.84 -43.84
N ARG D 136 -7.49 -9.76 -44.51
CA ARG D 136 -6.15 -9.20 -44.32
C ARG D 136 -5.91 -8.92 -42.84
N GLU D 137 -6.92 -8.39 -42.15
CA GLU D 137 -6.79 -8.06 -40.74
C GLU D 137 -6.69 -9.30 -39.87
N ILE D 138 -7.46 -10.33 -40.20
CA ILE D 138 -7.37 -11.60 -39.46
C ILE D 138 -5.95 -12.15 -39.55
N ALA D 139 -5.36 -12.13 -40.75
CA ALA D 139 -3.99 -12.62 -40.92
C ALA D 139 -3.02 -11.80 -40.09
N LEU D 140 -3.14 -10.47 -40.12
CA LEU D 140 -2.25 -9.61 -39.34
C LEU D 140 -2.37 -9.91 -37.85
N VAL D 141 -3.59 -10.09 -37.36
CA VAL D 141 -3.77 -10.41 -35.94
C VAL D 141 -3.14 -11.76 -35.63
N LYS D 142 -3.38 -12.75 -36.47
CA LYS D 142 -2.83 -14.08 -36.22
C LYS D 142 -1.31 -14.06 -36.25
N ALA D 143 -0.71 -13.10 -36.93
CA ALA D 143 0.74 -12.95 -37.03
C ALA D 143 1.32 -12.13 -35.89
N GLY D 144 0.53 -11.78 -34.88
CA GLY D 144 1.01 -10.94 -33.81
C GLY D 144 1.10 -9.47 -34.15
N LYS D 145 0.58 -9.06 -35.29
CA LYS D 145 0.64 -7.66 -35.75
C LYS D 145 -0.66 -6.92 -35.46
N LYS D 146 -1.29 -7.19 -34.31
CA LYS D 146 -2.58 -6.57 -33.99
C LYS D 146 -2.47 -5.06 -33.91
N ASP D 147 -1.40 -4.54 -33.31
CA ASP D 147 -1.27 -3.09 -33.22
C ASP D 147 -0.94 -2.44 -34.57
N ALA D 148 -0.85 -3.24 -35.64
CA ALA D 148 -0.88 -2.69 -36.99
C ALA D 148 -2.30 -2.33 -37.44
N LEU D 149 -3.32 -2.66 -36.64
CA LEU D 149 -4.67 -2.20 -36.95
C LEU D 149 -4.88 -0.76 -36.48
N ALA D 150 -4.46 -0.46 -35.25
CA ALA D 150 -4.37 0.94 -34.81
C ALA D 150 -3.32 1.72 -35.60
N ARG D 151 -2.49 1.02 -36.37
CA ARG D 151 -1.42 1.64 -37.14
C ARG D 151 -1.96 2.49 -38.28
N VAL D 152 -2.92 1.97 -39.03
CA VAL D 152 -3.11 2.37 -40.42
C VAL D 152 -3.86 3.71 -40.52
N ALA D 153 -4.94 3.88 -39.75
CA ALA D 153 -5.71 5.11 -39.85
C ALA D 153 -6.53 5.34 -38.58
N PRO D 154 -5.88 5.69 -37.46
CA PRO D 154 -6.63 5.80 -36.20
C PRO D 154 -7.51 7.03 -36.11
N GLU D 155 -7.31 8.05 -36.95
CA GLU D 155 -8.12 9.26 -36.89
C GLU D 155 -9.32 9.23 -37.84
N ALA D 156 -9.44 8.19 -38.66
CA ALA D 156 -10.38 8.23 -39.77
C ALA D 156 -11.84 8.27 -39.31
N GLY D 157 -12.13 7.75 -38.12
CA GLY D 157 -13.49 7.73 -37.60
C GLY D 157 -14.02 9.08 -37.13
N PHE D 158 -13.17 10.10 -37.07
CA PHE D 158 -13.57 11.42 -36.63
C PHE D 158 -13.61 12.36 -37.82
N ALA D 159 -14.55 13.32 -37.76
CA ALA D 159 -14.56 14.37 -38.76
C ALA D 159 -13.22 15.09 -38.74
N GLU D 160 -12.79 15.53 -39.93
CA GLU D 160 -11.46 16.12 -40.04
C GLU D 160 -11.31 17.33 -39.13
N ASP D 161 -12.34 18.17 -39.03
CA ASP D 161 -12.17 19.37 -38.21
C ASP D 161 -12.31 19.09 -36.72
N ASN D 162 -12.51 17.83 -36.32
CA ASN D 162 -12.56 17.46 -34.91
C ASN D 162 -11.32 16.74 -34.44
N ARG D 163 -10.43 16.35 -35.35
CA ARG D 163 -9.38 15.41 -35.00
C ARG D 163 -8.42 15.99 -33.97
N THR D 164 -8.11 17.29 -34.04
CA THR D 164 -7.23 17.89 -33.04
C THR D 164 -7.91 17.93 -31.67
N ARG D 165 -9.17 18.38 -31.63
CA ARG D 165 -9.93 18.40 -30.38
C ARG D 165 -10.16 17.01 -29.80
N MET D 166 -10.13 15.98 -30.63
CA MET D 166 -10.41 14.61 -30.21
C MET D 166 -9.13 13.78 -30.05
N LYS D 167 -7.97 14.43 -29.95
CA LYS D 167 -6.72 13.68 -29.97
C LYS D 167 -6.60 12.73 -28.78
N ASP D 168 -7.23 13.07 -27.65
CA ASP D 168 -7.16 12.19 -26.49
C ASP D 168 -8.01 10.93 -26.69
N TYR D 169 -9.23 11.08 -27.22
CA TYR D 169 -10.03 9.91 -27.56
C TYR D 169 -9.34 9.05 -28.58
N ILE D 170 -8.65 9.68 -29.55
CA ILE D 170 -7.92 8.93 -30.57
C ILE D 170 -6.82 8.10 -29.93
N GLU D 171 -6.16 8.64 -28.91
CA GLU D 171 -5.17 7.86 -28.18
C GLU D 171 -5.83 6.81 -27.30
N ASP D 172 -6.96 7.17 -26.68
CA ASP D 172 -7.75 6.22 -25.91
C ASP D 172 -8.01 4.94 -26.70
N LEU D 173 -8.46 5.10 -27.95
CA LEU D 173 -8.82 3.93 -28.74
C LEU D 173 -7.59 3.18 -29.24
N THR D 174 -6.47 3.87 -29.41
CA THR D 174 -5.23 3.17 -29.75
C THR D 174 -4.76 2.31 -28.58
N GLU D 175 -4.97 2.77 -27.35
CA GLU D 175 -4.68 1.90 -26.20
C GLU D 175 -5.64 0.72 -26.13
N GLN D 176 -6.89 0.92 -26.55
CA GLN D 176 -7.89 -0.15 -26.46
C GLN D 176 -7.49 -1.36 -27.28
N VAL D 177 -6.88 -1.14 -28.44
CA VAL D 177 -6.48 -2.27 -29.28
C VAL D 177 -5.47 -3.15 -28.54
N ALA D 178 -4.50 -2.53 -27.87
CA ALA D 178 -3.44 -3.31 -27.23
C ALA D 178 -3.99 -4.29 -26.19
N VAL D 179 -5.11 -3.96 -25.55
CA VAL D 179 -5.68 -4.81 -24.52
C VAL D 179 -6.85 -5.64 -25.03
N THR D 180 -7.12 -5.62 -26.34
CA THR D 180 -8.15 -6.45 -26.93
C THR D 180 -7.55 -7.81 -27.28
N GLU D 181 -8.22 -8.88 -26.84
CA GLU D 181 -7.72 -10.24 -27.11
C GLU D 181 -7.63 -10.50 -28.61
N ASP D 182 -6.45 -10.96 -29.05
CA ASP D 182 -6.25 -11.25 -30.47
C ASP D 182 -7.32 -12.18 -31.01
N GLU D 183 -7.59 -13.27 -30.28
CA GLU D 183 -8.59 -14.22 -30.74
C GLU D 183 -9.99 -13.64 -30.72
N GLY D 184 -10.24 -12.64 -29.87
CA GLY D 184 -11.53 -11.98 -29.90
C GLY D 184 -11.71 -11.13 -31.15
N ILE D 185 -10.65 -10.45 -31.59
CA ILE D 185 -10.68 -9.72 -32.84
C ILE D 185 -11.00 -10.66 -33.99
N VAL D 186 -10.31 -11.81 -34.04
CA VAL D 186 -10.55 -12.77 -35.12
C VAL D 186 -12.00 -13.23 -35.13
N ALA D 187 -12.55 -13.50 -33.94
CA ALA D 187 -13.92 -13.99 -33.84
C ALA D 187 -14.92 -12.96 -34.34
N LEU D 188 -14.71 -11.69 -33.99
CA LEU D 188 -15.65 -10.66 -34.40
C LEU D 188 -15.49 -10.29 -35.88
N LEU D 189 -14.26 -10.34 -36.41
CA LEU D 189 -14.10 -10.14 -37.85
C LEU D 189 -14.81 -11.22 -38.64
N ASN D 190 -14.69 -12.47 -38.21
CA ASN D 190 -15.39 -13.55 -38.90
C ASN D 190 -16.91 -13.41 -38.77
N GLY D 191 -17.37 -12.97 -37.59
CA GLY D 191 -18.79 -12.72 -37.41
C GLY D 191 -19.30 -11.61 -38.32
N MET D 192 -18.50 -10.55 -38.51
CA MET D 192 -18.96 -9.46 -39.36
C MET D 192 -18.95 -9.87 -40.84
N ILE D 193 -17.98 -10.69 -41.24
CA ILE D 193 -17.98 -11.24 -42.59
C ILE D 193 -19.28 -12.00 -42.85
N ALA D 194 -19.74 -12.75 -41.86
CA ALA D 194 -20.87 -13.66 -42.01
C ALA D 194 -22.22 -13.02 -41.83
N ARG D 195 -22.29 -11.78 -41.37
CA ARG D 195 -23.57 -11.21 -40.99
C ARG D 195 -24.49 -11.04 -42.21
N LYS D 196 -25.78 -11.00 -41.95
CA LYS D 196 -26.76 -11.00 -43.03
C LYS D 196 -27.27 -9.60 -43.30
N ASP D 197 -27.88 -9.44 -44.47
CA ASP D 197 -28.54 -8.19 -44.79
C ASP D 197 -29.84 -8.07 -43.99
N GLN D 198 -30.00 -6.97 -43.27
CA GLN D 198 -31.12 -6.78 -42.36
C GLN D 198 -32.12 -5.73 -42.84
N ASN D 199 -32.04 -5.31 -44.11
CA ASN D 199 -32.93 -4.24 -44.57
C ASN D 199 -34.38 -4.69 -44.60
N GLU D 200 -34.64 -5.90 -45.12
CA GLU D 200 -36.01 -6.40 -45.13
C GLU D 200 -36.56 -6.55 -43.72
N MET D 201 -35.71 -7.04 -42.80
CA MET D 201 -36.13 -7.18 -41.41
C MET D 201 -36.58 -5.84 -40.84
N LEU D 202 -35.78 -4.78 -41.03
CA LEU D 202 -36.13 -3.49 -40.48
C LEU D 202 -37.48 -3.01 -41.01
N ARG D 203 -37.70 -3.13 -42.32
CA ARG D 203 -38.95 -2.59 -42.87
C ARG D 203 -40.16 -3.33 -42.33
N ALA D 204 -40.01 -4.61 -42.01
CA ALA D 204 -41.11 -5.42 -41.49
C ALA D 204 -41.26 -5.31 -39.99
N SER D 205 -40.27 -4.77 -39.28
CA SER D 205 -40.27 -4.76 -37.83
C SER D 205 -41.13 -3.64 -37.27
N LYS D 206 -41.94 -3.97 -36.27
CA LYS D 206 -42.72 -2.96 -35.56
C LYS D 206 -41.92 -2.29 -34.44
N VAL D 207 -40.68 -2.69 -34.21
CA VAL D 207 -39.84 -1.99 -33.22
C VAL D 207 -39.53 -0.60 -33.75
N PRO D 208 -39.78 0.46 -32.97
CA PRO D 208 -39.41 1.81 -33.41
C PRO D 208 -37.92 1.91 -33.67
N GLN D 209 -37.56 2.67 -34.71
CA GLN D 209 -36.19 2.74 -35.19
C GLN D 209 -35.70 4.18 -35.31
N LEU D 210 -34.44 4.40 -34.93
CA LEU D 210 -33.78 5.68 -35.06
C LEU D 210 -32.40 5.45 -35.66
N PHE D 211 -32.09 6.21 -36.71
CA PHE D 211 -30.74 6.29 -37.28
C PHE D 211 -30.07 7.58 -36.77
N ILE D 212 -28.86 7.45 -36.21
CA ILE D 212 -28.05 8.63 -35.91
C ILE D 212 -26.82 8.56 -36.79
N LEU D 213 -26.65 9.53 -37.70
CA LEU D 213 -25.62 9.46 -38.73
C LEU D 213 -24.88 10.78 -38.83
N GLY D 214 -23.56 10.70 -38.94
CA GLY D 214 -22.75 11.90 -39.12
C GLY D 214 -22.74 12.37 -40.56
N ARG D 215 -22.57 13.68 -40.73
CA ARG D 215 -22.48 14.28 -42.06
C ARG D 215 -21.06 14.29 -42.59
N LYS D 216 -20.08 13.96 -41.76
CA LYS D 216 -18.68 14.03 -42.14
C LYS D 216 -17.98 12.72 -41.80
N ASP D 217 -18.66 11.61 -42.08
CA ASP D 217 -18.21 10.27 -41.73
C ASP D 217 -17.58 9.61 -42.96
N ASN D 218 -16.26 9.41 -42.91
CA ASN D 218 -15.56 8.78 -44.03
C ASN D 218 -16.00 7.33 -44.25
N TYR D 219 -16.43 6.64 -43.18
CA TYR D 219 -16.89 5.26 -43.29
C TYR D 219 -18.31 5.17 -43.85
N ILE D 220 -19.13 6.19 -43.63
CA ILE D 220 -20.49 6.20 -44.18
C ILE D 220 -20.72 7.59 -44.77
N PRO D 221 -20.23 7.86 -45.98
CA PRO D 221 -20.37 9.20 -46.55
C PRO D 221 -21.83 9.56 -46.79
N VAL D 222 -22.06 10.85 -46.99
CA VAL D 222 -23.44 11.35 -47.06
C VAL D 222 -24.23 10.63 -48.15
N GLU D 223 -23.62 10.43 -49.32
CA GLU D 223 -24.31 9.74 -50.41
C GLU D 223 -24.78 8.36 -49.96
N ALA D 224 -23.90 7.61 -49.31
CA ALA D 224 -24.28 6.28 -48.82
C ALA D 224 -25.31 6.36 -47.70
N ALA D 225 -25.16 7.34 -46.81
CA ALA D 225 -26.09 7.46 -45.69
C ALA D 225 -27.48 7.84 -46.16
N GLU D 226 -27.56 8.67 -47.19
CA GLU D 226 -28.88 9.09 -47.65
C GLU D 226 -29.58 7.98 -48.42
N LYS D 227 -28.82 7.16 -49.16
CA LYS D 227 -29.43 6.00 -49.81
C LYS D 227 -30.01 5.07 -48.77
N MET D 228 -29.28 4.84 -47.68
CA MET D 228 -29.71 3.90 -46.65
C MET D 228 -31.01 4.35 -46.00
N VAL D 229 -31.10 5.61 -45.59
CA VAL D 229 -32.30 6.05 -44.90
C VAL D 229 -33.47 6.22 -45.86
N LYS D 230 -33.19 6.42 -47.15
CA LYS D 230 -34.26 6.53 -48.14
C LYS D 230 -35.07 5.25 -48.24
N GLU D 231 -34.46 4.12 -47.94
CA GLU D 231 -35.11 2.81 -48.02
C GLU D 231 -35.83 2.45 -46.74
N HIS D 232 -35.73 3.32 -45.70
CA HIS D 232 -36.27 3.02 -44.37
C HIS D 232 -37.13 4.19 -43.91
N LEU D 233 -38.23 4.39 -44.64
CA LEU D 233 -39.20 5.43 -44.34
C LEU D 233 -39.71 5.33 -42.91
N GLN D 234 -39.75 4.12 -42.34
CA GLN D 234 -40.32 3.90 -41.02
C GLN D 234 -39.41 4.42 -39.92
N ALA D 235 -38.14 4.66 -40.22
CA ALA D 235 -37.17 5.04 -39.22
C ALA D 235 -37.01 6.55 -39.17
N ARG D 236 -36.86 7.07 -37.95
CA ARG D 236 -36.45 8.44 -37.75
C ARG D 236 -34.95 8.58 -38.01
N VAL D 237 -34.53 9.75 -38.47
CA VAL D 237 -33.12 10.01 -38.74
C VAL D 237 -32.71 11.31 -38.05
N VAL D 238 -31.65 11.27 -37.27
CA VAL D 238 -31.01 12.46 -36.75
C VAL D 238 -29.65 12.57 -37.41
N TRP D 239 -29.39 13.70 -38.08
CA TRP D 239 -28.11 13.95 -38.71
C TRP D 239 -27.25 14.74 -37.74
N LEU D 240 -26.00 14.30 -37.56
CA LEU D 240 -25.04 15.02 -36.73
C LEU D 240 -24.19 15.87 -37.66
N GLU D 241 -24.40 17.18 -37.61
CA GLU D 241 -23.89 18.06 -38.66
C GLU D 241 -22.37 18.20 -38.61
N ASN D 242 -21.76 18.01 -37.44
CA ASN D 242 -20.30 18.15 -37.33
C ASN D 242 -19.70 16.94 -36.64
N SER D 243 -20.12 15.75 -37.07
CA SER D 243 -19.58 14.49 -36.57
C SER D 243 -19.24 13.57 -37.73
N GLY D 244 -18.31 12.66 -37.46
CA GLY D 244 -18.01 11.58 -38.37
C GLY D 244 -18.69 10.30 -37.92
N HIS D 245 -17.87 9.27 -37.66
CA HIS D 245 -18.34 7.98 -37.16
C HIS D 245 -18.49 7.97 -35.64
N MET D 246 -18.02 9.00 -34.94
CA MET D 246 -17.93 8.99 -33.48
C MET D 246 -18.80 10.07 -32.84
N GLY D 247 -20.05 10.20 -33.29
CA GLY D 247 -20.89 11.33 -32.88
C GLY D 247 -21.12 11.43 -31.39
N PHE D 248 -21.15 10.31 -30.68
CA PHE D 248 -21.37 10.39 -29.23
C PHE D 248 -20.18 10.99 -28.50
N LEU D 249 -19.01 11.07 -29.15
CA LEU D 249 -17.85 11.81 -28.63
C LEU D 249 -17.72 13.19 -29.23
N GLU D 250 -18.03 13.35 -30.53
CA GLU D 250 -17.85 14.62 -31.22
C GLU D 250 -18.96 15.61 -30.91
N GLU D 251 -20.20 15.13 -30.80
CA GLU D 251 -21.36 15.97 -30.44
C GLU D 251 -22.18 15.24 -29.39
N PRO D 252 -21.64 15.12 -28.17
CA PRO D 252 -22.31 14.26 -27.17
C PRO D 252 -23.67 14.77 -26.74
N GLU D 253 -23.83 16.07 -26.48
CA GLU D 253 -25.13 16.56 -26.04
C GLU D 253 -26.20 16.32 -27.10
N THR D 254 -25.89 16.64 -28.35
CA THR D 254 -26.87 16.45 -29.41
C THR D 254 -27.21 14.97 -29.60
N THR D 255 -26.20 14.10 -29.52
CA THR D 255 -26.45 12.66 -29.64
C THR D 255 -27.29 12.15 -28.49
N ALA D 256 -27.00 12.60 -27.27
CA ALA D 256 -27.79 12.18 -26.12
C ALA D 256 -29.23 12.64 -26.24
N ARG D 257 -29.44 13.87 -26.70
CA ARG D 257 -30.80 14.39 -26.82
C ARG D 257 -31.60 13.61 -27.86
N ALA D 258 -30.95 13.22 -28.97
CA ALA D 258 -31.63 12.38 -29.95
C ALA D 258 -32.10 11.08 -29.32
N ILE D 259 -31.25 10.45 -28.51
CA ILE D 259 -31.64 9.22 -27.84
C ILE D 259 -32.71 9.48 -26.79
N LEU D 260 -32.55 10.53 -25.98
CA LEU D 260 -33.54 10.85 -24.95
C LEU D 260 -34.91 11.14 -25.57
N ASP D 261 -34.94 11.97 -26.62
CA ASP D 261 -36.21 12.29 -27.27
C ASP D 261 -36.85 11.05 -27.85
N PHE D 262 -36.04 10.16 -28.42
CA PHE D 262 -36.52 8.92 -29.01
C PHE D 262 -37.15 8.02 -27.95
N VAL D 263 -36.47 7.84 -26.82
CA VAL D 263 -37.00 7.00 -25.74
C VAL D 263 -38.31 7.57 -25.22
N ASN D 264 -38.43 8.90 -25.17
CA ASN D 264 -39.62 9.56 -24.64
C ASN D 264 -40.72 9.74 -25.67
N GLY D 265 -40.57 9.18 -26.87
CA GLY D 265 -41.58 9.32 -27.91
C GLY D 265 -41.81 10.74 -28.39
#